data_1PT8
#
_entry.id   1PT8
#
_cell.length_a   146.786
_cell.length_b   146.786
_cell.length_c   129.905
_cell.angle_alpha   90.00
_cell.angle_beta   90.00
_cell.angle_gamma   120.00
#
_symmetry.space_group_name_H-M   'P 62'
#
loop_
_entity.id
_entity.type
_entity.pdbx_description
1 polymer 'Hypothetical protein yfdW'
2 non-polymer 'OXALATE ION'
3 non-polymer 'ACETYL COENZYME *A'
4 non-polymer GLYCEROL
5 water water
#
_entity_poly.entity_id   1
_entity_poly.type   'polypeptide(L)'
_entity_poly.pdbx_seq_one_letter_code
;SYYHHHHHHLESTSLYKKAGLMSTPLQGIKVLDFTGVQSGPSCTQMLAWFGADVIKIERPGVGDVTRHQLRDIPDIDALY
FTMLNSNKRSIELNTKTAEGKEVMEKLIREADILVENFHPGAIDHMGFTWEHIQEINPRLIFGSIKGFDECSPYVNVKAY
ENVAQAAGGAASTTGFWDGPPLVSAAALGDSNTGMHLLIGLLAALLHREKTGRGQRVTMSMQDAVLNLCRVKLRDQQRLD
KLGYLEEYPQYPNGTFGDAVPRGGNAGGGGQPGWILKCKGWETDPNAYIYFTIQEQNWENTCKAIGKPEWITDPAYSTAH
ARQPHIFDIFAEIEKYTVTIDKHEAVAYLTQFDIPCAPVLSMKEISLDPSLRQSGSVVEVEQPLRGKYLTVGCPMKFSAF
TPDIKAAPLLGEHTAAVLQELGYSDDEIAAMKQNHAI
;
_entity_poly.pdbx_strand_id   A,B
#
loop_
_chem_comp.id
_chem_comp.type
_chem_comp.name
_chem_comp.formula
ACO non-polymer 'ACETYL COENZYME *A' 'C23 H38 N7 O17 P3 S'
GOL non-polymer GLYCEROL 'C3 H8 O3'
OXL non-polymer 'OXALATE ION' 'C2 O4 -2'
#
# COMPACT_ATOMS: atom_id res chain seq x y z
N MET A 22 -11.09 -13.26 26.29
CA MET A 22 -11.13 -11.77 26.18
C MET A 22 -9.81 -10.97 26.17
N SER A 23 -9.48 -10.31 25.06
CA SER A 23 -10.22 -10.36 23.80
C SER A 23 -9.43 -9.70 22.65
N THR A 24 -9.41 -10.36 21.50
CA THR A 24 -8.72 -9.84 20.34
C THR A 24 -9.72 -10.03 19.25
N PRO A 25 -9.61 -9.26 18.17
CA PRO A 25 -10.55 -9.32 17.06
C PRO A 25 -10.75 -10.73 16.43
N LEU A 26 -9.70 -11.55 16.34
CA LEU A 26 -9.78 -12.82 15.59
C LEU A 26 -9.51 -14.01 16.51
N GLN A 27 -9.76 -13.80 17.80
CA GLN A 27 -9.70 -14.85 18.80
C GLN A 27 -10.56 -16.03 18.37
N GLY A 28 -9.98 -17.22 18.36
CA GLY A 28 -10.68 -18.42 17.97
C GLY A 28 -10.61 -18.70 16.49
N ILE A 29 -10.05 -17.77 15.70
CA ILE A 29 -9.94 -18.00 14.25
C ILE A 29 -8.70 -18.86 13.96
N LYS A 30 -8.87 -19.86 13.12
CA LYS A 30 -7.76 -20.74 12.72
C LYS A 30 -7.36 -20.54 11.26
N VAL A 31 -6.08 -20.31 11.04
CA VAL A 31 -5.58 -19.96 9.73
C VAL A 31 -4.55 -21.00 9.26
N LEU A 32 -4.76 -21.51 8.05
CA LEU A 32 -3.75 -22.32 7.37
C LEU A 32 -2.99 -21.49 6.40
N ASP A 33 -1.73 -21.28 6.74
CA ASP A 33 -0.87 -20.40 6.01
C ASP A 33 0.15 -21.18 5.12
N PHE A 34 -0.19 -21.37 3.84
CA PHE A 34 0.72 -21.95 2.86
C PHE A 34 1.68 -20.92 2.26
N THR A 35 1.63 -19.68 2.64
CA THR A 35 2.34 -18.64 1.89
C THR A 35 3.84 -18.64 2.14
N GLY A 36 4.62 -18.20 1.14
CA GLY A 36 6.04 -17.94 1.26
C GLY A 36 6.44 -16.55 0.77
N VAL A 37 7.69 -16.17 1.02
CA VAL A 37 8.25 -14.85 0.64
C VAL A 37 7.59 -13.70 1.43
N GLN A 38 6.99 -12.71 0.75
CA GLN A 38 6.53 -11.49 1.43
C GLN A 38 5.02 -11.19 1.30
N SER A 39 4.42 -11.28 0.12
CA SER A 39 3.01 -10.92 -0.06
C SER A 39 2.06 -11.73 0.84
N GLY A 40 2.06 -13.06 0.72
CA GLY A 40 1.18 -13.85 1.59
C GLY A 40 1.56 -13.81 3.07
N PRO A 41 2.83 -13.96 3.41
CA PRO A 41 3.25 -13.88 4.83
C PRO A 41 2.96 -12.55 5.57
N SER A 42 3.06 -11.40 4.92
CA SER A 42 2.63 -10.12 5.54
C SER A 42 1.18 -10.13 5.96
N CYS A 43 0.34 -10.72 5.13
CA CYS A 43 -1.07 -10.86 5.41
C CYS A 43 -1.31 -11.73 6.65
N THR A 44 -0.70 -12.91 6.71
CA THR A 44 -0.99 -13.84 7.81
C THR A 44 -0.31 -13.44 9.08
N GLN A 45 0.76 -12.69 8.98
CA GLN A 45 1.37 -12.10 10.17
C GLN A 45 0.41 -11.17 10.88
N MET A 46 -0.19 -10.26 10.16
CA MET A 46 -1.27 -9.39 10.70
C MET A 46 -2.44 -10.19 11.29
N LEU A 47 -2.91 -11.22 10.59
CA LEU A 47 -3.91 -12.12 11.16
C LEU A 47 -3.54 -12.67 12.55
N ALA A 48 -2.27 -13.11 12.70
CA ALA A 48 -1.76 -13.60 13.99
C ALA A 48 -1.76 -12.49 15.07
N TRP A 49 -1.30 -11.28 14.69
CA TRP A 49 -1.28 -10.15 15.61
C TRP A 49 -2.70 -9.77 16.05
N PHE A 50 -3.69 -9.99 15.19
CA PHE A 50 -5.08 -9.76 15.50
C PHE A 50 -5.71 -10.89 16.34
N GLY A 51 -4.95 -11.93 16.68
CA GLY A 51 -5.44 -12.98 17.54
C GLY A 51 -5.66 -14.34 16.92
N ALA A 52 -5.51 -14.47 15.61
CA ALA A 52 -5.73 -15.75 14.97
C ALA A 52 -4.61 -16.76 15.25
N ASP A 53 -4.97 -18.04 15.27
CA ASP A 53 -3.94 -19.09 15.41
C ASP A 53 -3.45 -19.37 13.99
N VAL A 54 -2.25 -18.96 13.68
CA VAL A 54 -1.77 -19.10 12.31
C VAL A 54 -0.78 -20.27 12.20
N ILE A 55 -1.19 -21.31 11.49
CA ILE A 55 -0.33 -22.47 11.22
C ILE A 55 0.35 -22.37 9.86
N LYS A 56 1.62 -21.99 9.88
CA LYS A 56 2.46 -21.98 8.69
C LYS A 56 2.86 -23.39 8.27
N ILE A 57 2.42 -23.81 7.08
CA ILE A 57 2.72 -25.13 6.54
C ILE A 57 3.97 -25.01 5.66
N GLU A 58 5.02 -25.73 6.01
CA GLU A 58 6.30 -25.54 5.35
C GLU A 58 6.85 -26.85 4.81
N ARG A 59 7.59 -26.76 3.72
CA ARG A 59 8.24 -27.91 3.12
C ARG A 59 9.25 -28.49 4.10
N PRO A 60 9.17 -29.78 4.37
CA PRO A 60 10.08 -30.44 5.31
C PRO A 60 11.54 -30.26 4.94
N GLY A 61 12.35 -29.89 5.94
CA GLY A 61 13.78 -29.77 5.76
C GLY A 61 14.19 -28.54 4.98
N VAL A 62 13.21 -27.78 4.46
CA VAL A 62 13.45 -26.60 3.64
C VAL A 62 12.79 -25.35 4.27
N GLY A 63 11.48 -25.37 4.41
CA GLY A 63 10.79 -24.19 4.91
C GLY A 63 10.73 -23.05 3.90
N ASP A 64 10.00 -22.02 4.27
CA ASP A 64 9.89 -20.77 3.55
C ASP A 64 11.26 -20.32 3.10
N VAL A 65 11.40 -19.99 1.83
CA VAL A 65 12.68 -19.54 1.28
C VAL A 65 13.32 -18.36 2.01
N THR A 66 12.51 -17.47 2.61
CA THR A 66 13.06 -16.34 3.36
C THR A 66 13.86 -16.72 4.60
N ARG A 67 13.71 -17.94 5.10
CA ARG A 67 14.60 -18.44 6.20
C ARG A 67 16.08 -18.43 5.80
N HIS A 68 16.36 -18.68 4.53
CA HIS A 68 17.75 -18.75 4.00
C HIS A 68 18.21 -17.55 3.14
N GLN A 69 17.34 -16.55 2.95
CA GLN A 69 17.69 -15.45 2.05
C GLN A 69 18.34 -14.27 2.75
N LEU A 70 19.57 -13.97 2.35
CA LEU A 70 20.30 -12.83 2.89
C LEU A 70 20.45 -12.92 4.40
N ARG A 71 20.90 -14.09 4.85
CA ARG A 71 21.28 -14.27 6.27
C ARG A 71 22.36 -13.32 6.70
N ASP A 72 22.19 -12.70 7.86
CA ASP A 72 23.22 -11.87 8.41
C ASP A 72 23.95 -12.65 9.52
N ILE A 73 23.33 -13.72 10.03
CA ILE A 73 23.94 -14.63 11.01
C ILE A 73 23.96 -16.04 10.38
N PRO A 74 25.13 -16.68 10.32
CA PRO A 74 25.22 -18.02 9.72
C PRO A 74 24.25 -19.01 10.34
N ASP A 75 23.65 -19.85 9.50
CA ASP A 75 22.91 -21.03 10.00
C ASP A 75 21.61 -20.83 10.76
N ILE A 76 21.15 -19.59 10.94
CA ILE A 76 19.86 -19.38 11.57
C ILE A 76 18.93 -18.58 10.65
N ASP A 77 17.65 -18.54 10.99
CA ASP A 77 16.66 -17.84 10.17
C ASP A 77 17.08 -16.40 9.90
N ALA A 78 17.03 -16.02 8.63
CA ALA A 78 17.27 -14.66 8.19
C ALA A 78 16.21 -13.71 8.72
N LEU A 79 16.58 -12.45 8.84
CA LEU A 79 15.64 -11.34 9.15
C LEU A 79 14.43 -11.22 8.20
N TYR A 80 14.60 -11.58 6.94
CA TYR A 80 13.47 -11.54 6.00
C TYR A 80 12.37 -12.42 6.54
N PHE A 81 12.76 -13.58 7.06
CA PHE A 81 11.83 -14.46 7.69
C PHE A 81 11.30 -13.93 9.03
N THR A 82 12.17 -13.50 9.94
CA THR A 82 11.68 -13.16 11.29
C THR A 82 10.76 -11.91 11.32
N MET A 83 10.99 -11.01 10.38
CA MET A 83 10.17 -9.83 10.22
C MET A 83 8.82 -10.07 9.54
N LEU A 84 8.58 -11.28 9.04
CA LEU A 84 7.32 -11.59 8.36
C LEU A 84 6.50 -12.74 8.98
N ASN A 85 7.05 -13.35 10.02
CA ASN A 85 6.47 -14.59 10.51
C ASN A 85 6.34 -14.63 12.03
N SER A 86 6.43 -13.47 12.65
CA SER A 86 6.15 -13.31 14.06
C SER A 86 4.82 -13.93 14.43
N ASN A 87 4.80 -14.64 15.58
CA ASN A 87 3.59 -15.16 16.19
C ASN A 87 2.98 -16.38 15.47
N LYS A 88 3.64 -16.90 14.45
CA LYS A 88 3.05 -18.03 13.72
C LYS A 88 3.55 -19.34 14.31
N ARG A 89 2.83 -20.41 14.05
CA ARG A 89 3.34 -21.73 14.40
C ARG A 89 3.87 -22.35 13.11
N SER A 90 4.89 -23.20 13.20
CA SER A 90 5.45 -23.86 12.03
C SER A 90 5.28 -25.36 12.10
N ILE A 91 4.68 -25.93 11.06
CA ILE A 91 4.72 -27.35 10.84
C ILE A 91 5.43 -27.68 9.54
N GLU A 92 6.26 -28.72 9.57
CA GLU A 92 6.76 -29.34 8.35
C GLU A 92 5.79 -30.37 7.84
N LEU A 93 5.33 -30.18 6.61
CA LEU A 93 4.38 -31.09 6.03
C LEU A 93 4.56 -31.12 4.50
N ASN A 94 4.71 -32.32 3.95
CA ASN A 94 4.81 -32.53 2.53
C ASN A 94 3.46 -32.97 2.02
N THR A 95 2.73 -32.03 1.42
CA THR A 95 1.36 -32.32 0.99
C THR A 95 1.32 -33.17 -0.28
N LYS A 96 2.47 -33.56 -0.83
CA LYS A 96 2.48 -34.44 -2.01
C LYS A 96 2.43 -35.93 -1.65
N THR A 97 2.53 -36.28 -0.36
CA THR A 97 2.47 -37.66 0.07
C THR A 97 1.04 -38.01 0.44
N ALA A 98 0.74 -39.29 0.47
CA ALA A 98 -0.57 -39.78 0.86
C ALA A 98 -0.98 -39.27 2.26
N GLU A 99 -0.06 -39.36 3.23
CA GLU A 99 -0.33 -38.85 4.58
C GLU A 99 -0.48 -37.33 4.65
N GLY A 100 0.38 -36.62 3.94
CA GLY A 100 0.41 -35.16 3.93
C GLY A 100 -0.88 -34.59 3.38
N LYS A 101 -1.43 -35.25 2.36
CA LYS A 101 -2.70 -34.83 1.77
C LYS A 101 -3.82 -35.03 2.75
N GLU A 102 -3.74 -36.11 3.52
CA GLU A 102 -4.76 -36.37 4.51
C GLU A 102 -4.72 -35.38 5.69
N VAL A 103 -3.53 -35.01 6.13
CA VAL A 103 -3.36 -34.02 7.20
C VAL A 103 -3.89 -32.68 6.71
N MET A 104 -3.55 -32.32 5.47
CA MET A 104 -3.97 -31.10 4.82
C MET A 104 -5.49 -31.02 4.78
N GLU A 105 -6.13 -32.12 4.39
CA GLU A 105 -7.58 -32.20 4.39
C GLU A 105 -8.19 -31.97 5.77
N LYS A 106 -7.58 -32.57 6.79
CA LYS A 106 -8.04 -32.44 8.18
C LYS A 106 -7.82 -31.02 8.70
N LEU A 107 -6.68 -30.43 8.34
CA LEU A 107 -6.44 -29.02 8.61
C LEU A 107 -7.49 -28.10 7.94
N ILE A 108 -7.86 -28.34 6.68
CA ILE A 108 -8.88 -27.55 6.00
C ILE A 108 -10.25 -27.69 6.66
N ARG A 109 -10.56 -28.90 7.13
CA ARG A 109 -11.80 -29.16 7.81
C ARG A 109 -11.92 -28.39 9.15
N GLU A 110 -10.80 -28.16 9.84
CA GLU A 110 -10.82 -27.48 11.14
C GLU A 110 -10.58 -25.94 11.03
N ALA A 111 -10.12 -25.47 9.86
CA ALA A 111 -9.73 -24.08 9.70
C ALA A 111 -10.89 -23.14 9.25
N ASP A 112 -10.73 -21.85 9.54
CA ASP A 112 -11.59 -20.78 9.01
C ASP A 112 -11.08 -20.19 7.74
N ILE A 113 -9.74 -20.10 7.63
CA ILE A 113 -9.12 -19.45 6.50
C ILE A 113 -7.94 -20.28 5.98
N LEU A 114 -7.79 -20.37 4.66
CA LEU A 114 -6.58 -20.89 4.04
C LEU A 114 -5.97 -19.82 3.13
N VAL A 115 -4.69 -19.52 3.31
CA VAL A 115 -4.00 -18.52 2.48
C VAL A 115 -2.83 -19.18 1.72
N GLU A 116 -2.75 -18.89 0.41
CA GLU A 116 -1.67 -19.36 -0.45
C GLU A 116 -1.21 -18.32 -1.47
N ASN A 117 0.09 -18.29 -1.74
CA ASN A 117 0.66 -17.44 -2.77
C ASN A 117 1.67 -18.19 -3.64
N PHE A 118 1.37 -19.44 -3.95
CA PHE A 118 2.27 -20.26 -4.76
C PHE A 118 2.09 -19.84 -6.19
N HIS A 119 3.05 -20.23 -7.00
CA HIS A 119 3.01 -19.99 -8.44
C HIS A 119 1.69 -20.49 -8.97
N PRO A 120 1.22 -19.88 -10.04
CA PRO A 120 -0.03 -20.31 -10.68
C PRO A 120 -0.03 -21.84 -10.93
N GLY A 121 -1.16 -22.48 -10.64
CA GLY A 121 -1.30 -23.92 -10.73
C GLY A 121 -0.92 -24.73 -9.49
N ALA A 122 0.06 -24.25 -8.72
CA ALA A 122 0.74 -25.05 -7.70
C ALA A 122 -0.21 -25.73 -6.73
N ILE A 123 -1.07 -24.97 -6.07
CA ILE A 123 -2.00 -25.56 -5.10
C ILE A 123 -3.11 -26.42 -5.71
N ASP A 124 -3.54 -26.10 -6.92
CA ASP A 124 -4.47 -26.94 -7.70
C ASP A 124 -3.96 -28.39 -7.88
N HIS A 125 -2.72 -28.47 -8.34
CA HIS A 125 -2.03 -29.75 -8.58
C HIS A 125 -1.77 -30.65 -7.35
N MET A 126 -2.23 -30.23 -6.17
CA MET A 126 -2.14 -31.01 -4.91
C MET A 126 -3.42 -31.74 -4.55
N GLY A 127 -4.50 -31.50 -5.30
CA GLY A 127 -5.73 -32.26 -5.13
C GLY A 127 -6.84 -31.70 -4.24
N PHE A 128 -6.73 -30.42 -3.88
CA PHE A 128 -7.76 -29.71 -3.13
C PHE A 128 -7.96 -28.46 -3.93
N THR A 129 -8.82 -28.55 -4.90
CA THR A 129 -9.08 -27.40 -5.73
C THR A 129 -10.14 -26.57 -5.00
N TRP A 130 -10.19 -25.25 -5.22
CA TRP A 130 -11.24 -24.43 -4.57
C TRP A 130 -12.53 -25.24 -4.50
N GLU A 131 -12.89 -25.84 -5.62
CA GLU A 131 -14.07 -26.70 -5.67
C GLU A 131 -13.99 -27.89 -4.69
N HIS A 132 -12.77 -28.38 -4.45
CA HIS A 132 -12.60 -29.47 -3.50
C HIS A 132 -12.56 -28.96 -2.06
N ILE A 133 -11.83 -27.87 -1.84
CA ILE A 133 -11.90 -27.15 -0.57
C ILE A 133 -13.36 -26.93 -0.07
N GLN A 134 -14.28 -26.51 -0.94
CA GLN A 134 -15.68 -26.23 -0.57
C GLN A 134 -16.43 -27.41 -0.01
N GLU A 135 -16.21 -28.58 -0.61
CA GLU A 135 -16.80 -29.82 -0.17
C GLU A 135 -16.24 -30.22 1.20
N ILE A 136 -14.93 -30.12 1.38
CA ILE A 136 -14.32 -30.39 2.69
C ILE A 136 -14.87 -29.46 3.80
N ASN A 137 -14.93 -28.14 3.54
CA ASN A 137 -15.39 -27.16 4.55
C ASN A 137 -16.08 -25.95 3.86
N PRO A 138 -17.40 -25.94 3.81
CA PRO A 138 -18.13 -24.83 3.18
C PRO A 138 -18.03 -23.54 4.01
N ARG A 139 -17.43 -23.61 5.18
CA ARG A 139 -17.27 -22.42 6.00
C ARG A 139 -15.92 -21.77 5.75
N LEU A 140 -15.03 -22.48 5.06
CA LEU A 140 -13.67 -22.01 4.89
C LEU A 140 -13.54 -20.84 3.90
N ILE A 141 -12.77 -19.83 4.29
CA ILE A 141 -12.42 -18.76 3.36
C ILE A 141 -11.02 -19.00 2.76
N PHE A 142 -10.96 -19.04 1.44
CA PHE A 142 -9.73 -19.31 0.72
C PHE A 142 -9.17 -18.02 0.09
N GLY A 143 -7.98 -17.62 0.54
CA GLY A 143 -7.35 -16.40 0.08
C GLY A 143 -6.20 -16.78 -0.82
N SER A 144 -6.14 -16.16 -1.98
CA SER A 144 -5.12 -16.50 -2.93
C SER A 144 -4.49 -15.25 -3.55
N ILE A 145 -3.16 -15.17 -3.49
CA ILE A 145 -2.43 -14.11 -4.15
C ILE A 145 -1.70 -14.67 -5.35
N LYS A 146 -1.75 -13.90 -6.45
CA LYS A 146 -1.03 -14.21 -7.69
C LYS A 146 -0.46 -12.94 -8.27
N GLY A 147 0.45 -13.03 -9.24
CA GLY A 147 1.01 -11.87 -9.86
C GLY A 147 -0.06 -11.13 -10.64
N PHE A 148 -0.94 -11.90 -11.30
CA PHE A 148 -1.89 -11.38 -12.28
C PHE A 148 -3.23 -12.08 -12.10
N ASP A 149 -4.30 -11.46 -12.58
CA ASP A 149 -5.66 -12.02 -12.48
C ASP A 149 -5.88 -13.18 -13.47
N GLU A 150 -6.94 -13.96 -13.25
CA GLU A 150 -7.16 -15.19 -14.04
C GLU A 150 -7.42 -14.99 -15.54
N CYS A 151 -7.97 -13.85 -15.95
CA CYS A 151 -8.10 -13.60 -17.38
C CYS A 151 -7.00 -12.71 -17.96
N SER A 152 -5.94 -12.46 -17.20
CA SER A 152 -4.80 -11.75 -17.72
C SER A 152 -4.03 -12.61 -18.73
N PRO A 153 -3.47 -11.99 -19.77
CA PRO A 153 -2.56 -12.72 -20.66
C PRO A 153 -1.29 -13.12 -19.89
N TYR A 154 -1.06 -12.49 -18.73
CA TYR A 154 0.09 -12.83 -17.89
C TYR A 154 -0.26 -13.73 -16.72
N VAL A 155 -1.42 -14.39 -16.79
CA VAL A 155 -1.92 -15.22 -15.69
C VAL A 155 -0.90 -16.23 -15.12
N ASN A 156 -0.03 -16.78 -15.95
CA ASN A 156 0.93 -17.82 -15.53
C ASN A 156 2.33 -17.27 -15.30
N VAL A 157 2.50 -15.96 -15.50
CA VAL A 157 3.77 -15.29 -15.25
C VAL A 157 4.09 -15.20 -13.75
N LYS A 158 5.35 -15.52 -13.41
CA LYS A 158 5.81 -15.44 -12.05
C LYS A 158 6.05 -13.99 -11.74
N ALA A 159 5.70 -13.55 -10.56
CA ALA A 159 5.87 -12.13 -10.30
C ALA A 159 6.61 -11.95 -9.00
N TYR A 160 7.61 -11.09 -9.05
CA TYR A 160 8.26 -10.58 -7.90
C TYR A 160 7.80 -9.11 -7.81
N GLU A 161 8.01 -8.55 -6.64
CA GLU A 161 7.82 -7.13 -6.34
C GLU A 161 7.84 -6.19 -7.56
N ASN A 162 8.99 -6.06 -8.22
CA ASN A 162 9.20 -5.04 -9.25
C ASN A 162 8.53 -5.34 -10.58
N VAL A 163 8.20 -6.62 -10.78
CA VAL A 163 7.47 -7.06 -11.94
C VAL A 163 6.05 -6.53 -11.89
N ALA A 164 5.41 -6.65 -10.71
CA ALA A 164 4.12 -6.03 -10.42
C ALA A 164 4.18 -4.50 -10.55
N GLN A 165 5.27 -3.86 -10.11
CA GLN A 165 5.42 -2.39 -10.22
C GLN A 165 5.45 -1.94 -11.69
N ALA A 166 6.16 -2.72 -12.52
CA ALA A 166 6.16 -2.49 -13.95
C ALA A 166 4.78 -2.64 -14.58
N ALA A 167 4.09 -3.72 -14.23
CA ALA A 167 2.80 -4.03 -14.83
C ALA A 167 1.61 -3.21 -14.31
N GLY A 168 1.72 -2.64 -13.11
CA GLY A 168 0.61 -1.96 -12.46
C GLY A 168 0.58 -0.46 -12.63
N GLY A 169 1.59 0.08 -13.31
CA GLY A 169 1.63 1.48 -13.69
C GLY A 169 2.51 2.38 -12.84
N ALA A 170 2.98 1.85 -11.71
CA ALA A 170 3.87 2.60 -10.84
C ALA A 170 5.22 2.92 -11.44
N ALA A 171 5.89 1.95 -12.06
CA ALA A 171 7.23 2.23 -12.56
C ALA A 171 7.20 3.25 -13.71
N SER A 172 6.17 3.13 -14.54
CA SER A 172 5.95 4.07 -15.64
C SER A 172 5.91 5.52 -15.19
N THR A 173 5.36 5.79 -14.00
CA THR A 173 5.04 7.16 -13.56
C THR A 173 5.91 7.67 -12.41
N THR A 174 6.91 6.87 -12.03
CA THR A 174 7.83 7.17 -10.94
C THR A 174 9.20 7.37 -11.54
N GLY A 175 9.91 8.41 -11.10
CA GLY A 175 11.22 8.76 -11.61
C GLY A 175 11.15 10.15 -12.27
N PHE A 176 12.16 10.47 -13.08
CA PHE A 176 12.24 11.72 -13.81
C PHE A 176 11.87 11.51 -15.27
N TRP A 177 11.34 12.57 -15.88
CA TRP A 177 10.97 12.59 -17.29
C TRP A 177 12.15 12.29 -18.25
N ASP A 178 13.37 12.65 -17.85
CA ASP A 178 14.58 12.36 -18.65
C ASP A 178 15.36 11.13 -18.14
N GLY A 179 14.73 10.29 -17.33
CA GLY A 179 15.39 9.08 -16.90
C GLY A 179 14.50 7.88 -17.16
N PRO A 180 14.91 6.72 -16.70
CA PRO A 180 14.10 5.52 -16.90
C PRO A 180 12.89 5.45 -15.95
N PRO A 181 11.98 4.52 -16.24
CA PRO A 181 11.02 4.05 -15.24
C PRO A 181 11.78 3.64 -13.97
N LEU A 182 11.18 3.90 -12.82
CA LEU A 182 11.83 3.59 -11.55
C LEU A 182 10.92 2.82 -10.63
N VAL A 183 11.50 1.82 -9.96
CA VAL A 183 10.80 1.05 -8.95
C VAL A 183 10.82 1.84 -7.64
N SER A 184 9.80 1.60 -6.84
CA SER A 184 9.72 2.20 -5.52
C SER A 184 10.33 1.22 -4.51
N ALA A 185 11.00 1.78 -3.51
CA ALA A 185 11.48 1.00 -2.36
C ALA A 185 10.38 0.34 -1.60
N ALA A 186 9.22 0.99 -1.55
CA ALA A 186 8.08 0.46 -0.82
C ALA A 186 7.58 -0.78 -1.54
N ALA A 187 7.14 -1.76 -0.76
CA ALA A 187 6.65 -3.02 -1.31
C ALA A 187 5.26 -2.92 -1.90
N LEU A 188 5.15 -2.20 -3.03
CA LEU A 188 3.89 -2.02 -3.73
C LEU A 188 3.34 -3.32 -4.25
N GLY A 189 4.24 -4.22 -4.65
CA GLY A 189 3.82 -5.50 -5.18
C GLY A 189 3.65 -6.56 -4.09
N ASP A 190 4.45 -6.51 -3.04
CA ASP A 190 4.46 -7.57 -2.03
C ASP A 190 3.57 -7.31 -0.81
N SER A 191 4.09 -6.56 0.17
CA SER A 191 3.32 -6.33 1.40
C SER A 191 2.01 -5.61 1.08
N ASN A 192 2.03 -4.69 0.12
CA ASN A 192 0.80 -4.01 -0.32
C ASN A 192 -0.29 -4.99 -0.76
N THR A 193 0.08 -5.98 -1.55
CA THR A 193 -0.84 -7.02 -1.98
C THR A 193 -1.28 -7.84 -0.78
N GLY A 194 -0.37 -8.13 0.13
CA GLY A 194 -0.77 -8.84 1.35
C GLY A 194 -1.82 -8.06 2.13
N MET A 195 -1.65 -6.73 2.23
CA MET A 195 -2.63 -5.86 2.93
C MET A 195 -3.99 -5.87 2.20
N HIS A 196 -3.95 -5.87 0.88
CA HIS A 196 -5.20 -5.94 0.14
C HIS A 196 -5.96 -7.27 0.33
N LEU A 197 -5.22 -8.40 0.36
CA LEU A 197 -5.88 -9.70 0.65
C LEU A 197 -6.46 -9.72 2.06
N LEU A 198 -5.69 -9.23 3.03
CA LEU A 198 -6.17 -9.10 4.41
C LEU A 198 -7.56 -8.40 4.48
N ILE A 199 -7.70 -7.27 3.81
CA ILE A 199 -8.99 -6.58 3.70
C ILE A 199 -10.08 -7.53 3.17
N GLY A 200 -9.80 -8.23 2.06
CA GLY A 200 -10.77 -9.21 1.55
C GLY A 200 -11.13 -10.31 2.55
N LEU A 201 -10.13 -10.80 3.28
CA LEU A 201 -10.32 -11.89 4.26
C LEU A 201 -11.19 -11.45 5.44
N LEU A 202 -10.96 -10.22 5.91
CA LEU A 202 -11.78 -9.68 6.99
C LEU A 202 -13.20 -9.45 6.51
N ALA A 203 -13.35 -8.90 5.31
CA ALA A 203 -14.69 -8.67 4.78
C ALA A 203 -15.41 -10.02 4.62
N ALA A 204 -14.68 -11.03 4.17
CA ALA A 204 -15.26 -12.36 3.97
C ALA A 204 -15.67 -12.99 5.31
N LEU A 205 -14.93 -12.73 6.38
CA LEU A 205 -15.36 -13.20 7.71
C LEU A 205 -16.65 -12.50 8.13
N LEU A 206 -16.75 -11.21 7.84
CA LEU A 206 -17.96 -10.46 8.16
C LEU A 206 -19.12 -10.97 7.29
N HIS A 207 -18.83 -11.25 6.03
CA HIS A 207 -19.87 -11.76 5.16
C HIS A 207 -20.37 -13.16 5.63
N ARG A 208 -19.46 -14.01 6.09
CA ARG A 208 -19.81 -15.34 6.58
C ARG A 208 -20.76 -15.29 7.79
N GLU A 209 -20.65 -14.27 8.64
CA GLU A 209 -21.64 -14.09 9.72
C GLU A 209 -23.09 -14.09 9.20
N LYS A 210 -23.29 -13.62 7.96
CA LYS A 210 -24.61 -13.54 7.33
C LYS A 210 -25.01 -14.74 6.46
N THR A 211 -24.09 -15.23 5.64
CA THR A 211 -24.38 -16.34 4.75
C THR A 211 -24.16 -17.72 5.38
N GLY A 212 -23.36 -17.79 6.43
CA GLY A 212 -22.91 -19.08 6.96
C GLY A 212 -21.90 -19.81 6.08
N ARG A 213 -21.40 -19.15 5.03
CA ARG A 213 -20.52 -19.75 4.05
C ARG A 213 -19.20 -19.02 3.90
N GLY A 214 -18.16 -19.79 3.57
CA GLY A 214 -16.89 -19.25 3.18
C GLY A 214 -16.97 -18.82 1.73
N GLN A 215 -15.84 -18.40 1.18
CA GLN A 215 -15.79 -18.02 -0.23
C GLN A 215 -14.33 -17.90 -0.59
N ARG A 216 -14.06 -17.70 -1.87
CA ARG A 216 -12.72 -17.49 -2.30
C ARG A 216 -12.47 -16.00 -2.49
N VAL A 217 -11.32 -15.54 -2.01
CA VAL A 217 -10.87 -14.16 -2.20
C VAL A 217 -9.55 -14.20 -2.94
N THR A 218 -9.46 -13.55 -4.08
CA THR A 218 -8.19 -13.48 -4.79
C THR A 218 -7.72 -12.04 -4.92
N MET A 219 -6.42 -11.88 -4.95
CA MET A 219 -5.82 -10.57 -5.02
C MET A 219 -4.60 -10.70 -5.89
N SER A 220 -4.54 -9.91 -6.93
CA SER A 220 -3.31 -9.95 -7.72
C SER A 220 -2.39 -8.78 -7.37
N MET A 221 -1.12 -8.99 -7.59
CA MET A 221 -0.10 -7.96 -7.35
C MET A 221 -0.25 -6.75 -8.28
N GLN A 222 -0.54 -7.01 -9.55
CA GLN A 222 -0.81 -5.94 -10.48
C GLN A 222 -1.95 -5.03 -9.99
N ASP A 223 -3.06 -5.62 -9.53
CA ASP A 223 -4.19 -4.87 -9.00
C ASP A 223 -3.88 -4.05 -7.72
N ALA A 224 -3.01 -4.60 -6.87
CA ALA A 224 -2.63 -3.92 -5.65
C ALA A 224 -1.84 -2.65 -6.01
N VAL A 225 -0.91 -2.78 -6.96
CA VAL A 225 -0.15 -1.64 -7.44
C VAL A 225 -1.09 -0.60 -8.11
N LEU A 226 -1.98 -1.07 -8.99
CA LEU A 226 -2.92 -0.20 -9.69
C LEU A 226 -3.82 0.60 -8.71
N ASN A 227 -4.33 -0.09 -7.68
CA ASN A 227 -5.08 0.59 -6.64
C ASN A 227 -4.36 1.82 -6.04
N LEU A 228 -3.07 1.67 -5.75
CA LEU A 228 -2.28 2.80 -5.21
C LEU A 228 -1.98 3.90 -6.27
N CYS A 229 -2.07 3.57 -7.56
CA CYS A 229 -1.89 4.50 -8.69
C CYS A 229 -3.22 5.03 -9.27
N ARG A 230 -4.32 4.92 -8.52
CA ARG A 230 -5.62 5.50 -8.89
C ARG A 230 -5.49 6.97 -9.36
N VAL A 231 -4.65 7.77 -8.71
CA VAL A 231 -4.48 9.19 -9.07
C VAL A 231 -3.76 9.38 -10.41
N LYS A 232 -2.93 8.41 -10.80
CA LYS A 232 -2.31 8.44 -12.14
C LYS A 232 -3.30 8.03 -13.22
N LEU A 233 -4.30 7.21 -12.89
CA LEU A 233 -5.37 6.89 -13.83
C LEU A 233 -6.31 8.11 -13.97
N ARG A 234 -6.51 8.86 -12.89
CA ARG A 234 -7.13 10.19 -12.98
C ARG A 234 -6.38 11.09 -13.96
N ASP A 235 -5.05 11.17 -13.79
CA ASP A 235 -4.26 12.00 -14.68
C ASP A 235 -4.32 11.52 -16.14
N GLN A 236 -4.38 10.22 -16.38
CA GLN A 236 -4.44 9.72 -17.76
C GLN A 236 -5.69 10.21 -18.50
N GLN A 237 -6.80 10.22 -17.79
CA GLN A 237 -8.08 10.68 -18.33
C GLN A 237 -8.07 12.19 -18.58
N ARG A 238 -7.50 12.96 -17.66
CA ARG A 238 -7.31 14.40 -17.87
C ARG A 238 -6.46 14.62 -19.11
N LEU A 239 -5.40 13.84 -19.23
CA LEU A 239 -4.48 13.95 -20.35
C LEU A 239 -5.18 13.59 -21.67
N ASP A 240 -5.98 12.52 -21.68
CA ASP A 240 -6.77 12.11 -22.85
C ASP A 240 -7.76 13.24 -23.29
N LYS A 241 -8.46 13.86 -22.35
CA LYS A 241 -9.44 14.93 -22.66
C LYS A 241 -8.76 16.23 -23.16
N LEU A 242 -7.69 16.65 -22.47
CA LEU A 242 -7.17 18.01 -22.56
C LEU A 242 -5.85 18.13 -23.34
N GLY A 243 -4.99 17.11 -23.28
CA GLY A 243 -3.69 17.19 -23.92
C GLY A 243 -2.60 17.74 -23.06
N TYR A 244 -2.90 18.07 -21.81
CA TYR A 244 -1.89 18.58 -20.88
C TYR A 244 -2.34 18.30 -19.44
N LEU A 245 -1.37 18.36 -18.51
CA LEU A 245 -1.60 18.24 -17.09
C LEU A 245 -1.03 19.49 -16.44
N GLU A 246 -1.91 20.36 -15.96
CA GLU A 246 -1.55 21.71 -15.64
C GLU A 246 -0.59 21.81 -14.47
N GLU A 247 -0.57 20.78 -13.62
CA GLU A 247 0.28 20.79 -12.42
C GLU A 247 1.59 20.01 -12.63
N TYR A 248 1.78 19.42 -13.80
CA TYR A 248 2.98 18.58 -14.02
C TYR A 248 4.15 19.46 -14.43
N PRO A 249 5.38 19.07 -14.07
CA PRO A 249 6.57 19.85 -14.42
C PRO A 249 6.64 20.20 -15.91
N GLN A 250 6.13 19.33 -16.77
CA GLN A 250 6.13 19.57 -18.21
C GLN A 250 5.24 20.75 -18.69
N TYR A 251 4.39 21.29 -17.82
CA TYR A 251 3.46 22.35 -18.23
C TYR A 251 3.95 23.71 -17.73
N PRO A 252 3.95 24.78 -18.55
CA PRO A 252 3.56 24.78 -19.97
C PRO A 252 4.72 24.72 -20.97
N ASN A 253 5.94 24.64 -20.50
CA ASN A 253 7.10 24.84 -21.37
C ASN A 253 7.77 23.56 -21.90
N GLY A 254 7.27 22.39 -21.47
CA GLY A 254 7.70 21.09 -22.00
C GLY A 254 6.55 20.52 -22.82
N THR A 255 6.61 19.23 -23.10
CA THR A 255 5.62 18.61 -23.98
C THR A 255 5.08 17.34 -23.33
N PHE A 256 3.88 16.97 -23.75
CA PHE A 256 3.21 15.79 -23.27
C PHE A 256 3.05 14.83 -24.44
N GLY A 257 3.15 13.53 -24.15
CA GLY A 257 2.81 12.49 -25.09
C GLY A 257 1.46 11.92 -24.74
N ASP A 258 1.18 10.71 -25.16
CA ASP A 258 -0.14 10.15 -24.94
C ASP A 258 -0.32 9.45 -23.58
N ALA A 259 0.75 9.33 -22.82
CA ALA A 259 0.70 8.62 -21.54
C ALA A 259 1.19 9.55 -20.43
N VAL A 260 0.65 9.38 -19.22
CA VAL A 260 1.08 10.18 -18.06
C VAL A 260 2.60 9.99 -17.95
N PRO A 261 3.34 11.09 -17.86
CA PRO A 261 4.78 11.00 -17.76
C PRO A 261 5.26 11.03 -16.32
N ARG A 262 6.55 10.79 -16.16
CA ARG A 262 7.20 10.92 -14.88
C ARG A 262 7.36 12.39 -14.52
N GLY A 263 7.21 12.70 -13.24
CA GLY A 263 7.19 14.09 -12.83
C GLY A 263 8.17 14.42 -11.74
N GLY A 264 9.20 13.58 -11.57
CA GLY A 264 10.21 13.79 -10.56
C GLY A 264 9.63 13.83 -9.17
N ASN A 265 9.94 14.88 -8.43
CA ASN A 265 9.46 15.02 -7.06
C ASN A 265 8.23 15.89 -6.85
N ALA A 266 7.42 16.01 -7.90
CA ALA A 266 6.20 16.81 -7.88
C ALA A 266 5.15 16.24 -6.90
N GLY A 267 4.16 17.06 -6.51
CA GLY A 267 3.26 16.73 -5.43
C GLY A 267 2.34 15.54 -5.59
N GLY A 268 2.07 15.13 -6.83
CA GLY A 268 1.26 13.93 -7.04
C GLY A 268 -0.17 14.14 -6.52
N GLY A 269 -0.67 13.23 -5.67
CA GLY A 269 -1.96 13.43 -5.04
C GLY A 269 -2.07 14.54 -4.00
N GLY A 270 -0.93 15.04 -3.51
CA GLY A 270 -0.90 16.16 -2.59
C GLY A 270 -0.83 17.51 -3.28
N GLN A 271 -0.38 18.55 -2.59
CA GLN A 271 -0.24 19.87 -3.22
C GLN A 271 1.12 19.96 -3.89
N PRO A 272 1.36 20.99 -4.70
CA PRO A 272 2.64 21.16 -5.38
C PRO A 272 3.76 21.19 -4.35
N GLY A 273 4.85 20.50 -4.66
CA GLY A 273 5.94 20.35 -3.72
C GLY A 273 7.17 19.82 -4.43
N TRP A 274 8.26 19.68 -3.69
CA TRP A 274 9.51 19.17 -4.24
C TRP A 274 10.40 18.68 -3.11
N ILE A 275 11.38 17.88 -3.47
CA ILE A 275 12.41 17.46 -2.53
C ILE A 275 13.53 18.51 -2.54
N LEU A 276 13.78 19.12 -1.40
CA LEU A 276 14.78 20.20 -1.35
C LEU A 276 16.02 19.88 -0.51
N LYS A 277 17.18 20.34 -0.97
CA LYS A 277 18.44 20.15 -0.26
C LYS A 277 18.49 20.89 1.05
N CYS A 278 18.99 20.22 2.07
CA CYS A 278 19.33 20.87 3.32
C CYS A 278 20.83 20.76 3.57
N LYS A 279 21.31 21.32 4.67
CA LYS A 279 22.75 21.27 4.99
C LYS A 279 23.27 19.83 5.05
N GLY A 280 24.23 19.51 4.20
CA GLY A 280 24.93 18.25 4.20
C GLY A 280 24.74 17.46 2.93
N TRP A 281 23.90 17.94 2.02
CA TRP A 281 23.42 17.12 0.90
C TRP A 281 24.51 16.58 -0.02
N GLU A 282 25.63 17.27 -0.06
CA GLU A 282 26.66 16.88 -1.01
C GLU A 282 27.31 15.58 -0.54
N THR A 283 27.31 15.31 0.77
CA THR A 283 27.85 14.08 1.32
C THR A 283 26.82 13.13 2.03
N ASP A 284 25.64 13.64 2.35
CA ASP A 284 24.61 12.86 3.03
C ASP A 284 23.43 12.72 2.06
N PRO A 285 23.18 11.51 1.55
CA PRO A 285 22.10 11.30 0.54
C PRO A 285 20.70 11.56 1.11
N ASN A 286 20.60 11.77 2.41
CA ASN A 286 19.31 12.04 3.05
C ASN A 286 19.16 13.41 3.69
N ALA A 287 20.06 14.34 3.38
CA ALA A 287 20.00 15.70 3.92
C ALA A 287 19.02 16.51 3.10
N TYR A 288 17.72 16.21 3.23
CA TYR A 288 16.69 16.79 2.37
C TYR A 288 15.40 16.86 3.15
N ILE A 289 14.46 17.67 2.66
CA ILE A 289 13.07 17.67 3.13
C ILE A 289 12.14 17.55 1.91
N TYR A 290 10.90 17.14 2.15
CA TYR A 290 9.83 17.41 1.20
C TYR A 290 9.20 18.73 1.65
N PHE A 291 8.96 19.64 0.70
CA PHE A 291 8.37 20.95 0.96
C PHE A 291 7.12 21.10 0.10
N THR A 292 5.96 21.32 0.73
CA THR A 292 4.71 21.57 0.05
C THR A 292 4.38 23.08 -0.02
N ILE A 293 4.12 23.59 -1.22
CA ILE A 293 3.47 24.91 -1.36
C ILE A 293 1.98 24.70 -1.29
N GLN A 294 1.43 24.87 -0.12
CA GLN A 294 0.01 24.65 0.02
C GLN A 294 -0.75 25.91 -0.49
N GLU A 295 -1.76 25.67 -1.34
CA GLU A 295 -2.52 26.71 -2.03
C GLU A 295 -3.00 27.84 -1.08
N GLN A 296 -3.63 27.46 0.02
CA GLN A 296 -4.22 28.42 0.96
C GLN A 296 -3.20 28.95 1.98
N ASN A 297 -1.94 28.58 1.79
CA ASN A 297 -0.87 28.97 2.67
C ASN A 297 0.22 29.80 2.02
N TRP A 298 -0.07 30.44 0.88
CA TRP A 298 0.94 31.18 0.13
C TRP A 298 1.57 32.29 0.95
N GLU A 299 0.73 33.04 1.67
CA GLU A 299 1.17 34.16 2.51
C GLU A 299 2.19 33.71 3.57
N ASN A 300 1.81 32.75 4.41
CA ASN A 300 2.76 32.15 5.37
C ASN A 300 4.03 31.61 4.74
N THR A 301 3.88 30.99 3.57
CA THR A 301 5.05 30.45 2.86
C THR A 301 6.02 31.56 2.53
N CYS A 302 5.50 32.66 1.98
CA CYS A 302 6.32 33.85 1.66
C CYS A 302 7.00 34.46 2.90
N LYS A 303 6.26 34.56 3.99
CA LYS A 303 6.80 35.09 5.23
C LYS A 303 7.95 34.23 5.74
N ALA A 304 7.72 32.90 5.72
CA ALA A 304 8.75 31.94 6.11
C ALA A 304 10.05 32.19 5.40
N ILE A 305 10.00 32.42 4.09
CA ILE A 305 11.23 32.59 3.29
C ILE A 305 11.71 34.02 3.06
N GLY A 306 11.15 34.99 3.78
CA GLY A 306 11.52 36.39 3.64
C GLY A 306 11.20 36.96 2.27
N LYS A 307 10.03 36.59 1.73
CA LYS A 307 9.60 37.19 0.47
C LYS A 307 8.17 37.79 0.57
N PRO A 308 8.02 38.83 1.40
CA PRO A 308 6.69 39.42 1.65
C PRO A 308 6.13 40.03 0.37
N GLU A 309 7.03 40.44 -0.51
CA GLU A 309 6.69 41.04 -1.79
C GLU A 309 5.99 40.08 -2.78
N TRP A 310 6.08 38.78 -2.51
CA TRP A 310 5.50 37.76 -3.37
C TRP A 310 4.06 37.43 -3.02
N ILE A 311 3.62 37.86 -1.83
CA ILE A 311 2.29 37.53 -1.33
C ILE A 311 1.15 37.87 -2.31
N THR A 312 1.19 39.05 -2.89
CA THR A 312 0.09 39.49 -3.78
C THR A 312 0.57 39.78 -5.18
N ASP A 313 1.87 39.58 -5.42
CA ASP A 313 2.38 39.71 -6.79
C ASP A 313 1.58 38.71 -7.64
N PRO A 314 0.92 39.17 -8.71
CA PRO A 314 0.09 38.31 -9.56
C PRO A 314 0.87 37.19 -10.26
N ALA A 315 2.18 37.32 -10.39
CA ALA A 315 2.99 36.21 -10.89
C ALA A 315 3.12 35.07 -9.87
N TYR A 316 2.77 35.34 -8.60
CA TYR A 316 3.06 34.41 -7.50
C TYR A 316 1.87 34.00 -6.67
N SER A 317 0.78 34.76 -6.76
CA SER A 317 -0.27 34.69 -5.72
C SER A 317 -1.26 33.54 -5.87
N THR A 318 -1.30 32.92 -7.04
CA THR A 318 -2.10 31.71 -7.27
C THR A 318 -1.25 30.52 -7.73
N ALA A 319 -1.78 29.30 -7.59
CA ALA A 319 -1.09 28.08 -8.08
C ALA A 319 -0.90 28.13 -9.57
N HIS A 320 -1.92 28.55 -10.28
CA HIS A 320 -1.83 28.70 -11.74
C HIS A 320 -0.71 29.65 -12.20
N ALA A 321 -0.54 30.78 -11.49
CA ALA A 321 0.50 31.75 -11.86
C ALA A 321 1.91 31.27 -11.49
N ARG A 322 2.04 30.55 -10.38
CA ARG A 322 3.33 30.02 -9.94
C ARG A 322 3.90 28.93 -10.87
N GLN A 323 3.02 28.10 -11.42
CA GLN A 323 3.42 26.89 -12.14
C GLN A 323 4.48 27.08 -13.24
N PRO A 324 4.32 28.03 -14.16
CA PRO A 324 5.33 28.24 -15.22
C PRO A 324 6.73 28.60 -14.72
N HIS A 325 6.88 29.10 -13.50
CA HIS A 325 8.20 29.40 -12.96
C HIS A 325 8.39 28.79 -11.56
N ILE A 326 7.75 27.65 -11.28
CA ILE A 326 7.77 27.05 -9.95
C ILE A 326 9.15 26.54 -9.48
N PHE A 327 9.99 26.15 -10.43
CA PHE A 327 11.35 25.72 -10.10
C PHE A 327 12.26 26.88 -9.68
N ASP A 328 11.99 28.09 -10.19
CA ASP A 328 12.63 29.30 -9.64
C ASP A 328 12.21 29.49 -8.19
N ILE A 329 10.94 29.24 -7.91
CA ILE A 329 10.43 29.43 -6.56
C ILE A 329 11.12 28.37 -5.66
N PHE A 330 11.16 27.11 -6.11
CA PHE A 330 11.83 26.06 -5.33
C PHE A 330 13.32 26.41 -5.15
N ALA A 331 13.98 26.85 -6.22
CA ALA A 331 15.39 27.31 -6.12
C ALA A 331 15.56 28.40 -5.06
N GLU A 332 14.61 29.32 -4.97
CA GLU A 332 14.64 30.38 -3.96
C GLU A 332 14.42 29.84 -2.53
N ILE A 333 13.50 28.89 -2.35
CA ILE A 333 13.41 28.19 -1.06
C ILE A 333 14.73 27.46 -0.66
N GLU A 334 15.41 26.85 -1.64
CA GLU A 334 16.66 26.11 -1.39
C GLU A 334 17.84 26.98 -0.91
N LYS A 335 17.83 28.28 -1.20
CA LYS A 335 18.82 29.23 -0.66
C LYS A 335 18.71 29.29 0.86
N TYR A 336 17.51 29.18 1.40
CA TYR A 336 17.40 28.99 2.85
C TYR A 336 17.73 27.53 3.29
N THR A 337 17.00 26.54 2.74
CA THR A 337 17.10 25.16 3.27
C THR A 337 18.54 24.57 3.30
N VAL A 338 19.40 24.90 2.34
CA VAL A 338 20.78 24.43 2.33
C VAL A 338 21.72 25.00 3.40
N THR A 339 21.31 26.03 4.13
CA THR A 339 22.16 26.67 5.14
C THR A 339 21.94 26.04 6.49
N ILE A 340 20.96 25.14 6.57
CA ILE A 340 20.52 24.57 7.83
C ILE A 340 20.22 23.07 7.61
N ASP A 341 20.28 22.30 8.69
CA ASP A 341 20.10 20.87 8.58
C ASP A 341 18.61 20.56 8.58
N LYS A 342 18.24 19.43 7.98
CA LYS A 342 16.83 19.14 7.68
C LYS A 342 15.90 19.27 8.86
N HIS A 343 16.34 18.83 10.03
CA HIS A 343 15.51 18.88 11.23
C HIS A 343 15.22 20.31 11.70
N GLU A 344 16.19 21.19 11.54
CA GLU A 344 15.99 22.57 11.94
C GLU A 344 15.13 23.30 10.93
N ALA A 345 15.39 23.07 9.63
CA ALA A 345 14.55 23.56 8.54
C ALA A 345 13.10 23.26 8.80
N VAL A 346 12.80 22.06 9.28
CA VAL A 346 11.41 21.66 9.46
C VAL A 346 10.81 22.29 10.72
N ALA A 347 11.55 22.32 11.81
CA ALA A 347 11.06 22.94 13.05
C ALA A 347 10.69 24.45 12.81
N TYR A 348 11.47 25.13 12.00
CA TYR A 348 11.19 26.52 11.58
C TYR A 348 9.93 26.63 10.70
N LEU A 349 9.98 26.02 9.50
CA LEU A 349 8.90 26.12 8.50
C LEU A 349 7.52 25.71 9.00
N THR A 350 7.44 24.72 9.89
CA THR A 350 6.15 24.27 10.39
C THR A 350 5.45 25.33 11.25
N GLN A 351 6.19 26.29 11.75
CA GLN A 351 5.60 27.43 12.45
C GLN A 351 4.71 28.25 11.50
N PHE A 352 4.97 28.12 10.20
CA PHE A 352 4.25 28.84 9.17
C PHE A 352 3.19 27.98 8.51
N ASP A 353 2.89 26.87 9.17
CA ASP A 353 1.91 25.92 8.67
C ASP A 353 2.27 25.27 7.34
N ILE A 354 3.54 25.34 6.93
CA ILE A 354 4.00 24.63 5.73
C ILE A 354 4.07 23.11 5.93
N PRO A 355 3.36 22.32 5.11
CA PRO A 355 3.48 20.85 5.17
C PRO A 355 4.84 20.41 4.65
N CYS A 356 5.68 19.95 5.56
CA CYS A 356 7.02 19.52 5.23
C CYS A 356 7.51 18.48 6.22
N ALA A 357 8.56 17.75 5.89
CA ALA A 357 9.13 16.75 6.81
C ALA A 357 10.47 16.42 6.27
N PRO A 358 11.35 15.95 7.15
CA PRO A 358 12.67 15.52 6.71
C PRO A 358 12.51 14.22 5.91
N VAL A 359 13.43 14.00 4.99
CA VAL A 359 13.60 12.69 4.40
C VAL A 359 14.35 11.88 5.45
N LEU A 360 13.60 11.10 6.23
CA LEU A 360 14.20 10.25 7.27
C LEU A 360 14.86 9.01 6.67
N SER A 361 16.12 8.80 7.00
CA SER A 361 16.82 7.58 6.56
C SER A 361 16.29 6.38 7.33
N MET A 362 16.53 5.17 6.87
CA MET A 362 16.16 3.99 7.67
C MET A 362 16.92 3.90 8.99
N LYS A 363 18.12 4.48 9.05
CA LYS A 363 18.86 4.58 10.31
C LYS A 363 18.11 5.44 11.33
N GLU A 364 17.69 6.64 10.92
CA GLU A 364 16.87 7.50 11.80
C GLU A 364 15.57 6.83 12.25
N ILE A 365 14.86 6.21 11.31
CA ILE A 365 13.65 5.46 11.64
C ILE A 365 13.91 4.32 12.63
N SER A 366 14.98 3.56 12.43
CA SER A 366 15.29 2.43 13.32
C SER A 366 15.57 2.81 14.77
N LEU A 367 16.10 4.01 14.99
CA LEU A 367 16.42 4.53 16.32
C LEU A 367 15.43 5.53 16.91
N ASP A 368 14.41 5.89 16.14
CA ASP A 368 13.47 6.93 16.51
C ASP A 368 12.65 6.57 17.75
N PRO A 369 12.80 7.33 18.85
CA PRO A 369 12.09 6.98 20.08
C PRO A 369 10.59 7.02 19.98
N SER A 370 10.03 7.93 19.19
CA SER A 370 8.57 8.02 19.10
C SER A 370 7.98 6.82 18.35
N LEU A 371 8.72 6.26 17.40
CA LEU A 371 8.29 5.05 16.68
C LEU A 371 8.35 3.83 17.60
N ARG A 372 9.26 3.83 18.58
CA ARG A 372 9.28 2.79 19.59
C ARG A 372 8.07 2.94 20.50
N GLN A 373 7.81 4.18 20.94
CA GLN A 373 6.71 4.48 21.85
C GLN A 373 5.36 4.13 21.22
N SER A 374 5.21 4.43 19.93
CA SER A 374 3.92 4.14 19.28
C SER A 374 3.75 2.64 18.91
N GLY A 375 4.76 1.80 19.11
CA GLY A 375 4.67 0.42 18.65
C GLY A 375 4.81 0.23 17.13
N SER A 376 5.37 1.22 16.46
CA SER A 376 5.57 1.18 15.01
C SER A 376 6.86 0.47 14.63
N VAL A 377 7.93 0.75 15.36
CA VAL A 377 9.16 -0.06 15.31
C VAL A 377 9.23 -0.83 16.64
N VAL A 378 9.27 -2.16 16.52
CA VAL A 378 9.18 -3.04 17.69
C VAL A 378 10.42 -3.92 17.80
N GLU A 379 11.06 -3.85 18.97
CA GLU A 379 12.12 -4.78 19.32
C GLU A 379 11.57 -6.10 19.81
N VAL A 380 11.91 -7.18 19.13
CA VAL A 380 11.40 -8.50 19.46
C VAL A 380 12.60 -9.40 19.83
N GLU A 381 12.43 -10.32 20.77
CA GLU A 381 13.51 -11.28 21.02
C GLU A 381 13.31 -12.63 20.35
N GLN A 382 14.27 -13.00 19.50
CA GLN A 382 14.18 -14.23 18.73
C GLN A 382 15.13 -15.26 19.35
N PRO A 383 14.72 -16.53 19.46
CA PRO A 383 15.66 -17.60 19.86
C PRO A 383 16.94 -17.59 19.04
N LEU A 384 18.08 -17.85 19.68
CA LEU A 384 19.41 -17.95 19.05
C LEU A 384 19.94 -16.57 18.63
N ARG A 385 19.13 -15.83 17.88
CA ARG A 385 19.50 -14.53 17.35
C ARG A 385 19.54 -13.44 18.43
N GLY A 386 18.60 -13.46 19.36
CA GLY A 386 18.42 -12.35 20.28
C GLY A 386 17.53 -11.27 19.67
N LYS A 387 17.82 -10.01 19.97
CA LYS A 387 16.98 -8.89 19.55
C LYS A 387 17.00 -8.65 18.04
N TYR A 388 15.82 -8.31 17.52
CA TYR A 388 15.70 -7.71 16.20
C TYR A 388 14.54 -6.72 16.22
N LEU A 389 14.51 -5.88 15.20
CA LEU A 389 13.47 -4.88 15.04
C LEU A 389 12.57 -5.31 13.92
N THR A 390 11.29 -5.02 14.11
CA THR A 390 10.34 -5.31 13.08
C THR A 390 9.43 -4.10 12.99
N VAL A 391 8.74 -3.97 11.86
CA VAL A 391 7.65 -3.00 11.77
C VAL A 391 6.46 -3.61 12.49
N GLY A 392 5.91 -2.88 13.46
CA GLY A 392 4.79 -3.40 14.23
C GLY A 392 3.43 -3.35 13.51
N CYS A 393 2.38 -3.51 14.29
CA CYS A 393 1.04 -3.46 13.75
C CYS A 393 0.73 -1.99 13.47
N PRO A 394 0.49 -1.64 12.20
CA PRO A 394 0.55 -0.23 11.82
C PRO A 394 -0.61 0.60 12.35
N MET A 395 -1.84 0.08 12.36
CA MET A 395 -2.97 0.82 12.93
C MET A 395 -3.06 0.54 14.42
N LYS A 396 -3.61 1.52 15.16
CA LYS A 396 -3.67 1.47 16.62
C LYS A 396 -5.10 1.34 17.08
N PHE A 397 -5.34 0.45 18.03
CA PHE A 397 -6.70 0.19 18.51
C PHE A 397 -6.78 0.61 19.96
N SER A 398 -7.86 1.27 20.36
CA SER A 398 -7.99 1.65 21.79
C SER A 398 -8.39 0.49 22.70
N ALA A 399 -8.97 -0.57 22.13
CA ALA A 399 -9.43 -1.69 22.94
C ALA A 399 -8.53 -2.91 22.85
N PHE A 400 -7.35 -2.79 22.25
CA PHE A 400 -6.46 -3.93 22.19
C PHE A 400 -5.07 -3.58 21.63
N THR A 401 -4.07 -4.20 22.23
CA THR A 401 -2.68 -4.04 21.89
C THR A 401 -2.12 -5.39 21.46
N PRO A 402 -1.65 -5.49 20.21
CA PRO A 402 -1.02 -6.72 19.72
C PRO A 402 0.22 -7.03 20.53
N ASP A 403 0.49 -8.31 20.73
CA ASP A 403 1.68 -8.73 21.46
C ASP A 403 2.57 -9.40 20.42
N ILE A 404 3.66 -8.72 20.05
CA ILE A 404 4.45 -9.20 18.92
C ILE A 404 5.57 -10.10 19.42
N LYS A 405 5.61 -11.33 18.90
CA LYS A 405 6.51 -12.36 19.42
C LYS A 405 7.43 -12.83 18.33
N ALA A 406 8.30 -13.77 18.72
CA ALA A 406 9.30 -14.38 17.86
C ALA A 406 8.61 -15.10 16.72
N ALA A 407 9.38 -15.35 15.67
CA ALA A 407 8.98 -16.19 14.54
C ALA A 407 9.38 -17.64 14.84
N PRO A 408 8.66 -18.61 14.29
CA PRO A 408 8.87 -20.01 14.69
C PRO A 408 10.10 -20.61 14.05
N LEU A 409 10.77 -21.48 14.80
CA LEU A 409 11.76 -22.39 14.22
C LEU A 409 11.05 -23.39 13.35
N LEU A 410 11.72 -23.82 12.29
CA LEU A 410 11.13 -24.73 11.31
C LEU A 410 10.67 -26.03 11.93
N GLY A 411 9.38 -26.35 11.75
CA GLY A 411 8.77 -27.56 12.27
C GLY A 411 8.64 -27.62 13.78
N GLU A 412 8.88 -26.52 14.47
CA GLU A 412 8.84 -26.43 15.92
C GLU A 412 7.51 -26.93 16.52
N HIS A 413 6.41 -26.75 15.77
CA HIS A 413 5.09 -27.09 16.28
C HIS A 413 4.43 -28.27 15.55
N THR A 414 5.20 -29.03 14.75
CA THR A 414 4.64 -30.15 13.96
C THR A 414 3.88 -31.16 14.83
N ALA A 415 4.53 -31.66 15.87
CA ALA A 415 3.90 -32.64 16.76
C ALA A 415 2.60 -32.10 17.38
N ALA A 416 2.65 -30.89 17.93
CA ALA A 416 1.45 -30.26 18.52
C ALA A 416 0.29 -30.20 17.55
N VAL A 417 0.54 -29.72 16.34
CA VAL A 417 -0.55 -29.55 15.37
C VAL A 417 -1.15 -30.91 15.00
N LEU A 418 -0.28 -31.89 14.79
CA LEU A 418 -0.76 -33.24 14.45
C LEU A 418 -1.54 -33.82 15.59
N GLN A 419 -1.08 -33.64 16.83
CA GLN A 419 -1.85 -34.13 18.01
C GLN A 419 -3.21 -33.43 18.17
N GLU A 420 -3.25 -32.11 17.91
CA GLU A 420 -4.52 -31.38 17.94
C GLU A 420 -5.52 -31.98 16.96
N LEU A 421 -5.03 -32.48 15.81
CA LEU A 421 -5.90 -33.11 14.82
C LEU A 421 -6.41 -34.50 15.25
N GLY A 422 -5.80 -35.09 16.28
CA GLY A 422 -6.24 -36.41 16.71
C GLY A 422 -5.32 -37.55 16.32
N TYR A 423 -4.16 -37.24 15.73
CA TYR A 423 -3.19 -38.30 15.41
C TYR A 423 -2.46 -38.89 16.64
N SER A 424 -2.28 -40.19 16.61
CA SER A 424 -1.57 -40.93 17.66
C SER A 424 -0.06 -40.81 17.47
N ASP A 425 0.71 -41.23 18.46
CA ASP A 425 2.17 -41.31 18.30
C ASP A 425 2.64 -42.24 17.19
N ASP A 426 1.99 -43.42 17.02
CA ASP A 426 2.29 -44.31 15.89
C ASP A 426 2.02 -43.63 14.54
N GLU A 427 0.87 -42.98 14.39
CA GLU A 427 0.54 -42.27 13.15
C GLU A 427 1.58 -41.21 12.81
N ILE A 428 2.04 -40.45 13.81
CA ILE A 428 3.05 -39.41 13.60
C ILE A 428 4.41 -40.04 13.24
N ALA A 429 4.83 -41.07 13.97
CA ALA A 429 6.05 -41.83 13.64
C ALA A 429 6.01 -42.40 12.22
N ALA A 430 4.87 -42.93 11.80
CA ALA A 430 4.71 -43.42 10.43
C ALA A 430 4.87 -42.28 9.40
N MET A 431 4.28 -41.12 9.68
CA MET A 431 4.44 -39.94 8.82
C MET A 431 5.90 -39.53 8.66
N LYS A 432 6.63 -39.54 9.77
CA LYS A 432 8.02 -39.18 9.75
C LYS A 432 8.86 -40.18 8.92
N GLN A 433 8.61 -41.47 9.12
CA GLN A 433 9.23 -42.54 8.32
C GLN A 433 8.95 -42.36 6.83
N ASN A 434 7.72 -41.94 6.52
CA ASN A 434 7.28 -41.79 5.13
C ASN A 434 7.50 -40.43 4.51
N HIS A 435 8.32 -39.61 5.17
CA HIS A 435 8.67 -38.26 4.70
C HIS A 435 7.45 -37.39 4.44
N ALA A 436 6.36 -37.66 5.13
CA ALA A 436 5.20 -36.79 5.14
C ALA A 436 5.42 -35.53 6.03
N ILE A 437 6.31 -35.64 7.00
CA ILE A 437 6.75 -34.55 7.86
C ILE A 437 8.25 -34.62 7.95
N SER B 23 -26.61 -10.95 -0.39
CA SER B 23 -25.99 -10.16 0.71
C SER B 23 -24.59 -9.62 0.35
N THR B 24 -24.15 -8.64 1.10
CA THR B 24 -22.84 -8.06 0.92
C THR B 24 -22.23 -8.12 2.29
N PRO B 25 -20.91 -8.04 2.38
CA PRO B 25 -20.21 -8.12 3.66
C PRO B 25 -20.65 -7.10 4.72
N LEU B 26 -21.02 -5.88 4.31
CA LEU B 26 -21.29 -4.80 5.27
C LEU B 26 -22.73 -4.29 5.16
N GLN B 27 -23.60 -5.12 4.59
CA GLN B 27 -25.03 -4.87 4.55
C GLN B 27 -25.53 -4.46 5.92
N GLY B 28 -26.20 -3.32 5.99
CA GLY B 28 -26.73 -2.85 7.26
C GLY B 28 -25.77 -1.97 8.02
N ILE B 29 -24.48 -1.93 7.64
CA ILE B 29 -23.53 -1.05 8.35
C ILE B 29 -23.76 0.40 7.94
N LYS B 30 -23.78 1.30 8.93
CA LYS B 30 -23.92 2.75 8.68
C LYS B 30 -22.63 3.51 8.97
N VAL B 31 -22.15 4.26 8.00
CA VAL B 31 -20.86 4.93 8.10
C VAL B 31 -21.00 6.47 7.97
N LEU B 32 -20.43 7.19 8.92
CA LEU B 32 -20.30 8.65 8.84
C LEU B 32 -18.94 9.02 8.35
N ASP B 33 -18.94 9.59 7.17
CA ASP B 33 -17.74 9.87 6.44
C ASP B 33 -17.44 11.39 6.45
N PHE B 34 -16.66 11.85 7.43
CA PHE B 34 -16.17 13.21 7.47
C PHE B 34 -14.93 13.44 6.58
N THR B 35 -14.47 12.46 5.85
CA THR B 35 -13.15 12.61 5.27
C THR B 35 -13.12 13.44 4.00
N GLY B 36 -11.97 14.06 3.72
CA GLY B 36 -11.73 14.74 2.44
C GLY B 36 -10.42 14.32 1.83
N VAL B 37 -10.18 14.75 0.60
CA VAL B 37 -8.97 14.45 -0.18
C VAL B 37 -8.90 12.95 -0.57
N GLN B 38 -7.84 12.22 -0.18
CA GLN B 38 -7.65 10.87 -0.70
C GLN B 38 -7.55 9.75 0.36
N SER B 39 -6.77 9.94 1.42
CA SER B 39 -6.58 8.86 2.40
C SER B 39 -7.89 8.40 3.01
N GLY B 40 -8.62 9.32 3.66
CA GLY B 40 -9.89 8.95 4.27
C GLY B 40 -10.93 8.47 3.27
N PRO B 41 -11.16 9.21 2.18
CA PRO B 41 -12.18 8.79 1.19
C PRO B 41 -11.91 7.47 0.44
N SER B 42 -10.66 7.09 0.21
CA SER B 42 -10.38 5.77 -0.38
C SER B 42 -10.88 4.66 0.54
N CYS B 43 -10.69 4.85 1.83
CA CYS B 43 -11.19 3.89 2.83
C CYS B 43 -12.74 3.76 2.78
N THR B 44 -13.45 4.87 2.83
CA THR B 44 -14.90 4.82 2.91
C THR B 44 -15.53 4.47 1.58
N GLN B 45 -14.82 4.73 0.50
CA GLN B 45 -15.30 4.23 -0.81
C GLN B 45 -15.38 2.71 -0.83
N MET B 46 -14.32 2.05 -0.42
CA MET B 46 -14.32 0.59 -0.22
C MET B 46 -15.42 0.08 0.72
N LEU B 47 -15.61 0.74 1.86
CA LEU B 47 -16.73 0.42 2.74
C LEU B 47 -18.09 0.41 2.00
N ALA B 48 -18.34 1.44 1.17
CA ALA B 48 -19.57 1.53 0.34
C ALA B 48 -19.65 0.35 -0.65
N TRP B 49 -18.53 0.03 -1.29
CA TRP B 49 -18.48 -1.07 -2.25
C TRP B 49 -18.76 -2.42 -1.57
N PHE B 50 -18.37 -2.55 -0.30
CA PHE B 50 -18.64 -3.74 0.49
C PHE B 50 -20.07 -3.76 1.05
N GLY B 51 -20.89 -2.74 0.71
CA GLY B 51 -22.29 -2.74 1.07
C GLY B 51 -22.71 -1.76 2.17
N ALA B 52 -21.77 -1.06 2.79
CA ALA B 52 -22.12 -0.09 3.85
C ALA B 52 -22.86 1.13 3.29
N ASP B 53 -23.77 1.71 4.08
CA ASP B 53 -24.40 2.99 3.72
C ASP B 53 -23.43 4.09 4.16
N VAL B 54 -22.78 4.74 3.20
CA VAL B 54 -21.78 5.72 3.57
C VAL B 54 -22.33 7.15 3.40
N ILE B 55 -22.49 7.85 4.51
CA ILE B 55 -22.96 9.23 4.46
C ILE B 55 -21.78 10.19 4.54
N LYS B 56 -21.46 10.80 3.41
CA LYS B 56 -20.43 11.82 3.33
C LYS B 56 -20.93 13.18 3.86
N ILE B 57 -20.33 13.66 4.95
CA ILE B 57 -20.65 14.93 5.57
C ILE B 57 -19.78 16.00 4.96
N GLU B 58 -20.41 16.94 4.25
CA GLU B 58 -19.64 17.96 3.54
C GLU B 58 -20.00 19.39 4.02
N ARG B 59 -19.02 20.28 3.93
CA ARG B 59 -19.20 21.69 4.27
C ARG B 59 -20.16 22.31 3.27
N PRO B 60 -21.23 22.94 3.75
CA PRO B 60 -22.24 23.58 2.89
C PRO B 60 -21.67 24.53 1.87
N GLY B 61 -22.10 24.40 0.62
CA GLY B 61 -21.67 25.32 -0.41
C GLY B 61 -20.25 25.10 -0.93
N VAL B 62 -19.49 24.23 -0.27
CA VAL B 62 -18.06 24.05 -0.52
C VAL B 62 -17.81 22.59 -0.90
N GLY B 63 -18.08 21.68 0.04
CA GLY B 63 -17.85 20.28 -0.19
C GLY B 63 -16.36 19.92 -0.12
N ASP B 64 -16.12 18.63 -0.21
CA ASP B 64 -14.79 18.07 -0.26
C ASP B 64 -13.98 18.81 -1.31
N VAL B 65 -12.79 19.24 -0.93
CA VAL B 65 -11.89 19.98 -1.82
C VAL B 65 -11.63 19.31 -3.17
N THR B 66 -11.63 17.97 -3.22
CA THR B 66 -11.41 17.28 -4.49
C THR B 66 -12.49 17.52 -5.55
N ARG B 67 -13.66 18.03 -5.15
CA ARG B 67 -14.68 18.41 -6.15
C ARG B 67 -14.20 19.52 -7.08
N HIS B 68 -13.34 20.41 -6.59
CA HIS B 68 -12.83 21.57 -7.39
C HIS B 68 -11.36 21.46 -7.81
N GLN B 69 -10.69 20.35 -7.47
CA GLN B 69 -9.28 20.20 -7.77
C GLN B 69 -8.97 19.57 -9.12
N LEU B 70 -8.34 20.36 -9.98
CA LEU B 70 -7.89 19.90 -11.28
C LEU B 70 -9.06 19.43 -12.14
N ARG B 71 -10.11 20.25 -12.17
CA ARG B 71 -11.26 20.01 -13.05
C ARG B 71 -10.85 19.92 -14.49
N ASP B 72 -11.40 18.95 -15.21
CA ASP B 72 -11.12 18.82 -16.61
C ASP B 72 -12.33 19.30 -17.41
N ILE B 73 -13.50 19.39 -16.76
CA ILE B 73 -14.74 19.93 -17.33
C ILE B 73 -15.16 21.07 -16.39
N PRO B 74 -15.41 22.27 -16.94
CA PRO B 74 -15.75 23.42 -16.09
C PRO B 74 -17.02 23.20 -15.28
N ASP B 75 -17.02 23.68 -14.04
CA ASP B 75 -18.25 23.75 -13.21
C ASP B 75 -18.85 22.45 -12.70
N ILE B 76 -18.22 21.32 -12.96
CA ILE B 76 -18.70 20.06 -12.37
C ILE B 76 -17.59 19.35 -11.59
N ASP B 77 -17.99 18.37 -10.77
CA ASP B 77 -17.05 17.64 -9.89
C ASP B 77 -15.87 17.10 -10.70
N ALA B 78 -14.67 17.36 -10.20
CA ALA B 78 -13.45 16.84 -10.78
C ALA B 78 -13.38 15.31 -10.64
N LEU B 79 -12.63 14.69 -11.55
CA LEU B 79 -12.24 13.27 -11.46
C LEU B 79 -11.63 12.83 -10.15
N TYR B 80 -10.85 13.71 -9.52
CA TYR B 80 -10.26 13.38 -8.20
C TYR B 80 -11.39 13.01 -7.23
N PHE B 81 -12.48 13.78 -7.29
CA PHE B 81 -13.63 13.50 -6.49
C PHE B 81 -14.37 12.25 -6.97
N THR B 82 -14.64 12.12 -8.25
CA THR B 82 -15.50 10.99 -8.69
C THR B 82 -14.85 9.62 -8.54
N MET B 83 -13.52 9.57 -8.63
CA MET B 83 -12.78 8.34 -8.47
C MET B 83 -12.60 7.89 -7.02
N LEU B 84 -13.04 8.71 -6.07
CA LEU B 84 -12.82 8.42 -4.65
C LEU B 84 -14.12 8.36 -3.84
N ASN B 85 -15.23 8.72 -4.49
CA ASN B 85 -16.49 8.90 -3.79
C ASN B 85 -17.70 8.19 -4.42
N SER B 86 -17.42 7.24 -5.33
CA SER B 86 -18.45 6.36 -5.83
C SER B 86 -19.29 5.74 -4.72
N ASN B 87 -20.61 5.70 -4.97
CA ASN B 87 -21.56 4.97 -4.12
C ASN B 87 -21.85 5.66 -2.79
N LYS B 88 -21.30 6.84 -2.53
CA LYS B 88 -21.56 7.52 -1.25
C LYS B 88 -22.79 8.40 -1.36
N ARG B 89 -23.35 8.79 -0.23
CA ARG B 89 -24.42 9.77 -0.21
C ARG B 89 -23.77 11.06 0.30
N SER B 90 -24.24 12.22 -0.15
CA SER B 90 -23.71 13.51 0.29
C SER B 90 -24.75 14.34 1.05
N ILE B 91 -24.42 14.73 2.28
CA ILE B 91 -25.19 15.73 3.01
C ILE B 91 -24.30 16.97 3.20
N GLU B 92 -24.88 18.15 2.98
CA GLU B 92 -24.28 19.40 3.46
C GLU B 92 -24.70 19.67 4.89
N LEU B 93 -23.70 19.80 5.76
CA LEU B 93 -23.94 19.97 7.17
C LEU B 93 -22.77 20.77 7.76
N ASN B 94 -23.09 21.89 8.39
CA ASN B 94 -22.12 22.73 9.08
C ASN B 94 -22.20 22.38 10.54
N THR B 95 -21.22 21.61 11.01
CA THR B 95 -21.24 21.10 12.36
C THR B 95 -20.83 22.15 13.40
N LYS B 96 -20.50 23.37 12.97
CA LYS B 96 -20.19 24.43 13.92
C LYS B 96 -21.43 25.25 14.32
N THR B 97 -22.61 24.91 13.82
CA THR B 97 -23.84 25.54 14.26
C THR B 97 -24.46 24.67 15.32
N ALA B 98 -25.39 25.24 16.08
CA ALA B 98 -26.14 24.52 17.10
C ALA B 98 -26.98 23.35 16.54
N GLU B 99 -27.67 23.58 15.42
CA GLU B 99 -28.41 22.51 14.73
C GLU B 99 -27.48 21.42 14.17
N GLY B 100 -26.41 21.84 13.49
CA GLY B 100 -25.43 20.96 12.89
C GLY B 100 -24.84 19.97 13.92
N LYS B 101 -24.56 20.46 15.12
CA LYS B 101 -24.01 19.63 16.19
C LYS B 101 -25.01 18.62 16.67
N GLU B 102 -26.28 19.04 16.73
CA GLU B 102 -27.33 18.12 17.11
C GLU B 102 -27.52 17.04 16.05
N VAL B 103 -27.52 17.41 14.78
CA VAL B 103 -27.66 16.46 13.69
C VAL B 103 -26.51 15.43 13.75
N MET B 104 -25.29 15.94 13.90
CA MET B 104 -24.07 15.18 14.03
C MET B 104 -24.18 14.19 15.18
N GLU B 105 -24.70 14.64 16.31
CA GLU B 105 -24.91 13.77 17.45
C GLU B 105 -25.91 12.64 17.12
N LYS B 106 -26.99 12.97 16.42
CA LYS B 106 -28.01 11.98 16.02
C LYS B 106 -27.42 10.99 15.03
N LEU B 107 -26.64 11.48 14.10
CA LEU B 107 -25.92 10.61 13.17
C LEU B 107 -24.98 9.61 13.90
N ILE B 108 -24.18 10.08 14.88
CA ILE B 108 -23.28 9.23 15.66
C ILE B 108 -24.04 8.19 16.42
N ARG B 109 -25.18 8.59 16.99
CA ARG B 109 -26.04 7.69 17.72
C ARG B 109 -26.57 6.51 16.88
N GLU B 110 -26.81 6.73 15.59
CA GLU B 110 -27.33 5.70 14.68
C GLU B 110 -26.26 4.95 13.84
N ALA B 111 -25.03 5.48 13.77
CA ALA B 111 -23.98 4.91 12.95
C ALA B 111 -23.21 3.77 13.65
N ASP B 112 -22.57 2.94 12.84
CA ASP B 112 -21.59 1.95 13.34
C ASP B 112 -20.19 2.47 13.31
N ILE B 113 -19.89 3.31 12.32
CA ILE B 113 -18.53 3.75 12.08
C ILE B 113 -18.47 5.26 11.81
N LEU B 114 -17.51 5.96 12.39
CA LEU B 114 -17.23 7.36 12.03
C LEU B 114 -15.78 7.46 11.57
N VAL B 115 -15.56 8.03 10.39
CA VAL B 115 -14.22 8.21 9.84
C VAL B 115 -13.96 9.69 9.57
N GLU B 116 -12.76 10.12 9.98
CA GLU B 116 -12.28 11.50 9.78
C GLU B 116 -10.80 11.55 9.49
N ASN B 117 -10.38 12.47 8.63
CA ASN B 117 -8.97 12.70 8.33
C ASN B 117 -8.66 14.19 8.33
N PHE B 118 -9.26 14.93 9.27
CA PHE B 118 -9.06 16.36 9.39
C PHE B 118 -7.72 16.59 10.02
N HIS B 119 -7.27 17.84 9.93
CA HIS B 119 -6.03 18.26 10.56
C HIS B 119 -6.18 17.96 12.03
N PRO B 120 -5.08 17.69 12.72
CA PRO B 120 -5.17 17.41 14.16
C PRO B 120 -5.83 18.56 14.93
N GLY B 121 -6.65 18.21 15.91
CA GLY B 121 -7.51 19.16 16.59
C GLY B 121 -8.89 19.28 15.98
N ALA B 122 -8.96 19.33 14.65
CA ALA B 122 -10.18 19.76 13.94
C ALA B 122 -11.46 19.17 14.51
N ILE B 123 -11.58 17.85 14.50
CA ILE B 123 -12.79 17.17 15.01
C ILE B 123 -13.03 17.32 16.51
N ASP B 124 -11.96 17.35 17.29
CA ASP B 124 -11.99 17.66 18.73
C ASP B 124 -12.69 19.00 19.02
N HIS B 125 -12.21 20.04 18.35
CA HIS B 125 -12.73 21.40 18.53
C HIS B 125 -14.19 21.61 18.14
N MET B 126 -14.77 20.65 17.42
CA MET B 126 -16.21 20.63 17.11
C MET B 126 -16.99 20.08 18.26
N GLY B 127 -16.25 19.62 19.25
CA GLY B 127 -16.84 18.96 20.40
C GLY B 127 -17.00 17.48 20.16
N PHE B 128 -16.42 16.95 19.07
CA PHE B 128 -16.58 15.53 18.83
C PHE B 128 -15.28 14.72 18.92
N THR B 129 -14.83 14.66 20.17
CA THR B 129 -13.62 13.96 20.59
C THR B 129 -14.05 12.54 20.89
N TRP B 130 -13.08 11.61 20.85
CA TRP B 130 -13.34 10.22 21.18
C TRP B 130 -14.20 10.05 22.43
N GLU B 131 -13.80 10.73 23.49
CA GLU B 131 -14.46 10.58 24.79
C GLU B 131 -15.97 10.92 24.75
N HIS B 132 -16.34 11.92 23.93
CA HIS B 132 -17.75 12.30 23.87
C HIS B 132 -18.53 11.31 22.99
N ILE B 133 -17.89 10.90 21.91
CA ILE B 133 -18.43 9.87 21.02
C ILE B 133 -18.89 8.60 21.78
N GLN B 134 -18.07 8.08 22.69
CA GLN B 134 -18.39 6.87 23.48
C GLN B 134 -19.65 6.93 24.32
N GLU B 135 -19.92 8.10 24.90
CA GLU B 135 -21.13 8.34 25.66
C GLU B 135 -22.37 8.31 24.75
N ILE B 136 -22.28 9.01 23.62
CA ILE B 136 -23.35 9.00 22.62
C ILE B 136 -23.61 7.56 22.09
N ASN B 137 -22.54 6.88 21.65
CA ASN B 137 -22.70 5.54 21.09
C ASN B 137 -21.53 4.62 21.48
N PRO B 138 -21.68 3.81 22.52
CA PRO B 138 -20.61 2.87 22.91
C PRO B 138 -20.34 1.77 21.88
N ARG B 139 -21.17 1.69 20.84
CA ARG B 139 -20.99 0.68 19.81
C ARG B 139 -20.25 1.24 18.61
N LEU B 140 -20.08 2.55 18.59
CA LEU B 140 -19.48 3.20 17.44
C LEU B 140 -17.97 2.95 17.33
N ILE B 141 -17.51 2.62 16.13
CA ILE B 141 -16.09 2.52 15.86
C ILE B 141 -15.59 3.82 15.22
N PHE B 142 -14.62 4.47 15.84
CA PHE B 142 -14.10 5.72 15.34
C PHE B 142 -12.74 5.53 14.67
N GLY B 143 -12.65 5.85 13.37
CA GLY B 143 -11.43 5.67 12.60
C GLY B 143 -10.89 7.04 12.32
N SER B 144 -9.60 7.20 12.59
CA SER B 144 -8.98 8.49 12.39
C SER B 144 -7.65 8.36 11.64
N ILE B 145 -7.47 9.15 10.59
CA ILE B 145 -6.19 9.21 9.91
C ILE B 145 -5.54 10.55 10.23
N LYS B 146 -4.22 10.51 10.46
CA LYS B 146 -3.40 11.71 10.67
C LYS B 146 -2.08 11.53 9.93
N GLY B 147 -1.32 12.60 9.81
CA GLY B 147 -0.01 12.50 9.18
C GLY B 147 0.91 11.67 10.04
N PHE B 148 0.83 11.87 11.36
CA PHE B 148 1.79 11.34 12.33
C PHE B 148 1.07 10.84 13.56
N ASP B 149 1.72 9.94 14.31
CA ASP B 149 1.15 9.37 15.53
C ASP B 149 1.04 10.43 16.68
N GLU B 150 0.21 10.11 17.67
CA GLU B 150 0.05 10.86 18.93
C GLU B 150 1.38 11.21 19.62
N CYS B 151 2.30 10.26 19.64
CA CYS B 151 3.64 10.41 20.24
C CYS B 151 4.63 11.26 19.43
N SER B 152 4.33 11.48 18.15
CA SER B 152 5.31 12.05 17.24
C SER B 152 5.64 13.51 17.58
N PRO B 153 6.89 13.92 17.43
CA PRO B 153 7.22 15.36 17.46
C PRO B 153 6.51 16.12 16.33
N TYR B 154 6.07 15.37 15.31
CA TYR B 154 5.37 15.94 14.15
C TYR B 154 3.85 15.81 14.21
N VAL B 155 3.33 15.54 15.41
CA VAL B 155 1.90 15.27 15.63
C VAL B 155 0.93 16.31 15.04
N ASN B 156 1.30 17.60 15.01
CA ASN B 156 0.40 18.65 14.51
C ASN B 156 0.79 19.10 13.09
N VAL B 157 1.83 18.49 12.53
CA VAL B 157 2.22 18.75 11.16
C VAL B 157 1.16 18.22 10.18
N LYS B 158 0.85 19.07 9.19
CA LYS B 158 -0.11 18.74 8.16
C LYS B 158 0.63 17.86 7.19
N ALA B 159 -0.05 16.88 6.63
CA ALA B 159 0.70 15.98 5.79
C ALA B 159 -0.07 15.78 4.50
N TYR B 160 0.69 15.81 3.43
CA TYR B 160 0.23 15.45 2.14
C TYR B 160 1.06 14.21 1.80
N GLU B 161 0.59 13.52 0.78
CA GLU B 161 1.20 12.33 0.20
C GLU B 161 2.74 12.22 0.39
N ASN B 162 3.48 13.14 -0.21
CA ASN B 162 4.95 13.08 -0.32
C ASN B 162 5.67 13.45 0.98
N VAL B 163 4.97 14.16 1.84
CA VAL B 163 5.44 14.44 3.18
C VAL B 163 5.57 13.15 3.99
N ALA B 164 4.53 12.30 3.94
CA ALA B 164 4.59 10.97 4.55
C ALA B 164 5.68 10.10 3.89
N GLN B 165 5.86 10.20 2.58
CA GLN B 165 6.88 9.39 1.88
C GLN B 165 8.28 9.74 2.38
N ALA B 166 8.52 11.04 2.61
CA ALA B 166 9.78 11.51 3.19
C ALA B 166 9.97 11.00 4.62
N ALA B 167 8.93 11.14 5.44
CA ALA B 167 9.00 10.78 6.84
C ALA B 167 8.97 9.28 7.15
N GLY B 168 8.48 8.48 6.20
CA GLY B 168 8.30 7.06 6.42
C GLY B 168 9.37 6.14 5.89
N GLY B 169 10.38 6.70 5.22
CA GLY B 169 11.58 5.98 4.78
C GLY B 169 11.60 5.63 3.31
N ALA B 170 10.46 5.82 2.65
CA ALA B 170 10.36 5.51 1.24
C ALA B 170 11.18 6.43 0.34
N ALA B 171 11.14 7.73 0.57
CA ALA B 171 11.86 8.63 -0.35
C ALA B 171 13.38 8.47 -0.20
N SER B 172 13.83 8.24 1.02
CA SER B 172 15.23 7.97 1.30
C SER B 172 15.83 6.83 0.49
N THR B 173 15.02 5.77 0.25
CA THR B 173 15.48 4.52 -0.33
C THR B 173 15.04 4.28 -1.77
N THR B 174 14.36 5.26 -2.36
CA THR B 174 13.83 5.19 -3.70
C THR B 174 14.59 6.18 -4.56
N GLY B 175 15.01 5.74 -5.75
CA GLY B 175 15.79 6.56 -6.65
C GLY B 175 17.17 5.95 -6.84
N PHE B 176 18.09 6.75 -7.35
CA PHE B 176 19.47 6.33 -7.61
C PHE B 176 20.43 6.87 -6.56
N TRP B 177 21.53 6.14 -6.38
CA TRP B 177 22.56 6.49 -5.40
C TRP B 177 23.22 7.84 -5.69
N ASP B 178 23.30 8.23 -6.96
CA ASP B 178 23.87 9.52 -7.33
C ASP B 178 22.79 10.58 -7.66
N GLY B 179 21.57 10.38 -7.14
CA GLY B 179 20.51 11.36 -7.35
C GLY B 179 19.82 11.68 -6.04
N PRO B 180 18.77 12.52 -6.09
CA PRO B 180 18.05 12.84 -4.86
C PRO B 180 17.16 11.68 -4.38
N PRO B 181 16.70 11.81 -3.14
CA PRO B 181 15.52 11.06 -2.68
C PRO B 181 14.40 11.24 -3.71
N LEU B 182 13.61 10.19 -3.93
CA LEU B 182 12.55 10.25 -4.91
C LEU B 182 11.23 9.75 -4.37
N VAL B 183 10.16 10.45 -4.72
CA VAL B 183 8.80 10.05 -4.34
C VAL B 183 8.29 9.00 -5.33
N SER B 184 7.43 8.16 -4.83
CA SER B 184 6.77 7.17 -5.64
C SER B 184 5.47 7.77 -6.20
N ALA B 185 5.15 7.43 -7.45
CA ALA B 185 3.83 7.75 -8.04
C ALA B 185 2.67 7.15 -7.30
N ALA B 186 2.90 5.95 -6.74
CA ALA B 186 1.88 5.27 -5.97
C ALA B 186 1.57 6.04 -4.69
N ALA B 187 0.31 6.03 -4.30
CA ALA B 187 -0.13 6.78 -3.12
C ALA B 187 0.23 6.06 -1.83
N LEU B 188 1.54 6.03 -1.52
CA LEU B 188 2.04 5.41 -0.28
C LEU B 188 1.52 6.09 0.96
N GLY B 189 1.36 7.41 0.87
CA GLY B 189 0.85 8.20 1.98
C GLY B 189 -0.67 8.31 2.02
N ASP B 190 -1.34 8.32 0.89
CA ASP B 190 -2.79 8.55 0.87
C ASP B 190 -3.66 7.30 0.82
N SER B 191 -3.82 6.73 -0.38
CA SER B 191 -4.67 5.56 -0.52
C SER B 191 -4.15 4.39 0.33
N ASN B 192 -2.84 4.24 0.41
CA ASN B 192 -2.24 3.19 1.24
C ASN B 192 -2.66 3.29 2.71
N THR B 193 -2.60 4.51 3.25
CA THR B 193 -3.12 4.81 4.58
C THR B 193 -4.62 4.52 4.69
N GLY B 194 -5.42 4.91 3.69
CA GLY B 194 -6.82 4.57 3.72
C GLY B 194 -7.05 3.06 3.77
N MET B 195 -6.27 2.30 3.00
CA MET B 195 -6.34 0.81 3.06
C MET B 195 -5.95 0.26 4.44
N HIS B 196 -4.92 0.85 5.06
CA HIS B 196 -4.56 0.42 6.40
C HIS B 196 -5.65 0.73 7.44
N LEU B 197 -6.32 1.89 7.36
CA LEU B 197 -7.43 2.17 8.29
C LEU B 197 -8.60 1.20 8.07
N LEU B 198 -8.91 0.92 6.81
CA LEU B 198 -9.93 -0.06 6.44
C LEU B 198 -9.73 -1.44 7.13
N ILE B 199 -8.51 -1.98 7.07
CA ILE B 199 -8.16 -3.18 7.81
C ILE B 199 -8.54 -3.01 9.30
N GLY B 200 -8.11 -1.91 9.92
CA GLY B 200 -8.46 -1.67 11.32
C GLY B 200 -9.97 -1.62 11.59
N LEU B 201 -10.71 -0.95 10.72
CA LEU B 201 -12.16 -0.85 10.87
C LEU B 201 -12.84 -2.22 10.77
N LEU B 202 -12.36 -3.04 9.83
CA LEU B 202 -12.92 -4.38 9.67
C LEU B 202 -12.60 -5.24 10.88
N ALA B 203 -11.36 -5.20 11.33
CA ALA B 203 -10.99 -5.93 12.52
C ALA B 203 -11.84 -5.47 13.72
N ALA B 204 -12.08 -4.15 13.83
CA ALA B 204 -12.86 -3.59 14.93
C ALA B 204 -14.32 -4.03 14.87
N LEU B 205 -14.87 -4.20 13.69
CA LEU B 205 -16.22 -4.77 13.56
C LEU B 205 -16.26 -6.23 14.06
N LEU B 206 -15.22 -7.00 13.73
CA LEU B 206 -15.16 -8.39 14.18
C LEU B 206 -14.98 -8.41 15.69
N HIS B 207 -14.13 -7.53 16.19
CA HIS B 207 -13.95 -7.41 17.63
C HIS B 207 -15.26 -7.04 18.39
N ARG B 208 -16.08 -6.17 17.79
CA ARG B 208 -17.29 -5.68 18.44
C ARG B 208 -18.29 -6.83 18.59
N GLU B 209 -18.29 -7.75 17.64
CA GLU B 209 -19.09 -8.99 17.72
C GLU B 209 -18.86 -9.73 19.05
N LYS B 210 -17.67 -9.58 19.64
CA LYS B 210 -17.32 -10.22 20.92
C LYS B 210 -17.47 -9.34 22.16
N THR B 211 -17.09 -8.07 22.07
CA THR B 211 -17.11 -7.19 23.22
C THR B 211 -18.45 -6.47 23.38
N GLY B 212 -19.23 -6.39 22.32
CA GLY B 212 -20.40 -5.50 22.30
C GLY B 212 -20.03 -4.00 22.24
N ARG B 213 -18.76 -3.68 22.02
CA ARG B 213 -18.26 -2.30 22.06
C ARG B 213 -17.51 -1.85 20.80
N GLY B 214 -17.65 -0.55 20.48
CA GLY B 214 -16.81 0.09 19.49
C GLY B 214 -15.46 0.38 20.11
N GLN B 215 -14.60 1.09 19.38
CA GLN B 215 -13.31 1.52 19.89
C GLN B 215 -12.76 2.51 18.88
N ARG B 216 -11.62 3.09 19.21
CA ARG B 216 -10.99 3.99 18.28
C ARG B 216 -9.87 3.26 17.55
N VAL B 217 -9.79 3.47 16.24
CA VAL B 217 -8.71 2.99 15.38
C VAL B 217 -8.04 4.19 14.75
N THR B 218 -6.74 4.37 14.99
CA THR B 218 -6.04 5.43 14.31
C THR B 218 -5.01 4.82 13.39
N MET B 219 -4.72 5.55 12.32
CA MET B 219 -3.70 5.16 11.38
C MET B 219 -2.97 6.40 10.97
N SER B 220 -1.66 6.41 11.10
CA SER B 220 -0.92 7.54 10.57
C SER B 220 -0.34 7.24 9.18
N MET B 221 -0.17 8.31 8.40
CA MET B 221 0.44 8.18 7.07
C MET B 221 1.89 7.72 7.12
N GLN B 222 2.64 8.25 8.09
CA GLN B 222 4.02 7.82 8.27
C GLN B 222 4.08 6.29 8.47
N ASP B 223 3.25 5.73 9.35
CA ASP B 223 3.22 4.30 9.62
C ASP B 223 2.80 3.42 8.44
N ALA B 224 1.89 3.94 7.60
CA ALA B 224 1.41 3.23 6.42
C ALA B 224 2.59 3.10 5.44
N VAL B 225 3.32 4.20 5.25
CA VAL B 225 4.51 4.20 4.44
C VAL B 225 5.56 3.21 5.03
N LEU B 226 5.83 3.33 6.32
CA LEU B 226 6.81 2.47 6.99
C LEU B 226 6.48 0.95 6.84
N ASN B 227 5.20 0.61 6.97
CA ASN B 227 4.76 -0.76 6.79
C ASN B 227 5.18 -1.33 5.44
N LEU B 228 5.04 -0.53 4.39
CA LEU B 228 5.41 -0.97 3.06
C LEU B 228 6.94 -1.00 2.85
N CYS B 229 7.69 -0.28 3.69
CA CYS B 229 9.16 -0.33 3.68
C CYS B 229 9.78 -1.27 4.74
N ARG B 230 9.01 -2.21 5.28
CA ARG B 230 9.52 -3.26 6.19
C ARG B 230 10.86 -3.91 5.72
N VAL B 231 10.97 -4.20 4.42
CA VAL B 231 12.17 -4.84 3.87
C VAL B 231 13.39 -3.90 3.90
N LYS B 232 13.16 -2.59 3.81
CA LYS B 232 14.27 -1.61 4.01
C LYS B 232 14.71 -1.51 5.48
N LEU B 233 13.82 -1.78 6.42
CA LEU B 233 14.19 -1.88 7.83
C LEU B 233 14.96 -3.20 8.08
N ARG B 234 14.61 -4.28 7.39
CA ARG B 234 15.47 -5.49 7.32
C ARG B 234 16.87 -5.12 6.84
N ASP B 235 16.97 -4.41 5.72
CA ASP B 235 18.26 -4.01 5.21
C ASP B 235 19.06 -3.15 6.17
N GLN B 236 18.42 -2.22 6.86
CA GLN B 236 19.13 -1.36 7.80
C GLN B 236 19.83 -2.14 8.92
N GLN B 237 19.16 -3.15 9.42
CA GLN B 237 19.71 -4.04 10.44
C GLN B 237 20.84 -4.89 9.89
N ARG B 238 20.70 -5.39 8.67
CA ARG B 238 21.79 -6.12 8.01
C ARG B 238 22.99 -5.23 7.91
N LEU B 239 22.75 -3.99 7.50
CA LEU B 239 23.79 -3.00 7.31
C LEU B 239 24.48 -2.63 8.63
N ASP B 240 23.70 -2.47 9.69
CA ASP B 240 24.21 -2.19 11.05
C ASP B 240 25.15 -3.32 11.56
N LYS B 241 24.75 -4.57 11.37
CA LYS B 241 25.52 -5.76 11.77
C LYS B 241 26.80 -5.91 10.93
N LEU B 242 26.66 -5.81 9.62
CA LEU B 242 27.67 -6.28 8.66
C LEU B 242 28.51 -5.17 8.00
N GLY B 243 27.92 -4.00 7.76
CA GLY B 243 28.64 -2.93 7.08
C GLY B 243 28.51 -2.98 5.58
N TYR B 244 27.72 -3.92 5.06
CA TYR B 244 27.48 -4.01 3.63
C TYR B 244 26.16 -4.72 3.34
N LEU B 245 25.65 -4.54 2.11
CA LEU B 245 24.45 -5.22 1.63
C LEU B 245 24.80 -5.95 0.34
N GLU B 246 24.89 -7.27 0.43
CA GLU B 246 25.53 -8.06 -0.61
C GLU B 246 24.81 -8.05 -1.94
N GLU B 247 23.52 -7.72 -1.94
CA GLU B 247 22.71 -7.70 -3.17
C GLU B 247 22.53 -6.28 -3.77
N TYR B 248 23.01 -5.26 -3.06
CA TYR B 248 22.84 -3.88 -3.48
C TYR B 248 23.89 -3.53 -4.52
N PRO B 249 23.56 -2.62 -5.46
CA PRO B 249 24.46 -2.21 -6.55
C PRO B 249 25.82 -1.73 -6.06
N GLN B 250 25.86 -1.15 -4.87
CA GLN B 250 27.08 -0.67 -4.24
C GLN B 250 28.07 -1.80 -3.83
N TYR B 251 27.62 -3.06 -3.81
CA TYR B 251 28.48 -4.18 -3.39
C TYR B 251 29.02 -4.93 -4.59
N PRO B 252 30.34 -5.25 -4.65
CA PRO B 252 31.36 -4.86 -3.68
C PRO B 252 32.27 -3.69 -4.08
N ASN B 253 32.02 -3.06 -5.21
CA ASN B 253 32.96 -2.07 -5.71
C ASN B 253 32.64 -0.60 -5.38
N GLY B 254 31.53 -0.38 -4.66
CA GLY B 254 31.12 0.96 -4.23
C GLY B 254 31.25 1.00 -2.73
N THR B 255 30.57 1.94 -2.10
CA THR B 255 30.76 2.19 -0.68
C THR B 255 29.41 2.31 0.02
N PHE B 256 29.38 1.96 1.30
CA PHE B 256 28.17 2.07 2.08
C PHE B 256 28.42 3.08 3.18
N GLY B 257 27.37 3.84 3.54
CA GLY B 257 27.38 4.69 4.71
C GLY B 257 26.55 4.02 5.77
N ASP B 258 26.10 4.81 6.75
CA ASP B 258 25.40 4.22 7.86
C ASP B 258 23.91 3.95 7.62
N ALA B 259 23.39 4.34 6.46
CA ALA B 259 21.96 4.26 6.19
C ALA B 259 21.75 3.49 4.89
N VAL B 260 20.69 2.71 4.81
CA VAL B 260 20.32 2.01 3.58
C VAL B 260 20.31 3.04 2.44
N PRO B 261 21.02 2.75 1.37
CA PRO B 261 21.10 3.67 0.25
C PRO B 261 20.05 3.38 -0.82
N ARG B 262 19.97 4.29 -1.78
CA ARG B 262 19.14 4.08 -2.95
C ARG B 262 19.82 3.09 -3.85
N GLY B 263 19.03 2.26 -4.53
CA GLY B 263 19.58 1.16 -5.30
C GLY B 263 19.11 1.13 -6.72
N GLY B 264 18.57 2.25 -7.21
CA GLY B 264 18.09 2.29 -8.58
C GLY B 264 16.95 1.32 -8.80
N ASN B 265 17.10 0.47 -9.82
CA ASN B 265 16.08 -0.47 -10.20
C ASN B 265 16.35 -1.90 -9.75
N ALA B 266 17.17 -2.01 -8.70
CA ALA B 266 17.49 -3.33 -8.09
C ALA B 266 16.22 -4.06 -7.56
N GLY B 267 16.33 -5.38 -7.34
CA GLY B 267 15.21 -6.24 -7.05
C GLY B 267 14.43 -6.01 -5.76
N GLY B 268 15.03 -5.34 -4.79
CA GLY B 268 14.31 -5.00 -3.57
C GLY B 268 13.89 -6.26 -2.82
N GLY B 269 12.61 -6.37 -2.44
CA GLY B 269 12.10 -7.59 -1.86
C GLY B 269 12.07 -8.81 -2.78
N GLY B 270 12.17 -8.60 -4.10
CA GLY B 270 12.14 -9.69 -5.05
C GLY B 270 13.54 -10.26 -5.30
N GLN B 271 13.72 -10.95 -6.43
CA GLN B 271 15.06 -11.41 -6.82
C GLN B 271 15.80 -10.30 -7.55
N PRO B 272 17.10 -10.45 -7.78
CA PRO B 272 17.89 -9.48 -8.56
C PRO B 272 17.29 -9.24 -9.94
N GLY B 273 17.24 -7.97 -10.33
CA GLY B 273 16.58 -7.56 -11.56
C GLY B 273 16.91 -6.11 -11.89
N TRP B 274 16.37 -5.61 -13.00
CA TRP B 274 16.66 -4.25 -13.44
C TRP B 274 15.61 -3.81 -14.45
N ILE B 275 15.50 -2.51 -14.68
CA ILE B 275 14.62 -2.02 -15.74
C ILE B 275 15.45 -1.97 -17.02
N LEU B 276 15.02 -2.73 -18.01
CA LEU B 276 15.77 -2.85 -19.28
C LEU B 276 15.08 -2.18 -20.48
N LYS B 277 15.86 -1.51 -21.32
CA LYS B 277 15.37 -0.89 -22.54
C LYS B 277 14.87 -1.91 -23.53
N CYS B 278 13.72 -1.61 -24.12
CA CYS B 278 13.22 -2.37 -25.25
C CYS B 278 13.16 -1.43 -26.44
N LYS B 279 12.75 -1.94 -27.59
CA LYS B 279 12.69 -1.13 -28.81
C LYS B 279 11.72 0.05 -28.65
N GLY B 280 12.22 1.24 -28.89
CA GLY B 280 11.46 2.48 -28.83
C GLY B 280 11.95 3.41 -27.74
N TRP B 281 12.91 2.98 -26.91
CA TRP B 281 13.18 3.64 -25.63
C TRP B 281 13.66 5.08 -25.77
N GLU B 282 14.25 5.37 -26.90
CA GLU B 282 14.89 6.66 -27.08
C GLU B 282 13.81 7.72 -27.26
N THR B 283 12.64 7.34 -27.79
CA THR B 283 11.49 8.24 -27.94
C THR B 283 10.26 7.91 -27.04
N ASP B 284 10.12 6.67 -26.59
CA ASP B 284 9.00 6.24 -25.77
C ASP B 284 9.50 5.99 -24.31
N PRO B 285 9.05 6.81 -23.35
CA PRO B 285 9.52 6.69 -21.96
C PRO B 285 9.10 5.40 -21.27
N ASN B 286 8.22 4.63 -21.91
CA ASN B 286 7.74 3.36 -21.36
C ASN B 286 8.11 2.12 -22.16
N ALA B 287 9.03 2.26 -23.11
CA ALA B 287 9.48 1.12 -23.92
C ALA B 287 10.55 0.36 -23.13
N TYR B 288 10.10 -0.37 -22.10
CA TYR B 288 10.98 -1.01 -21.13
C TYR B 288 10.28 -2.22 -20.57
N ILE B 289 11.07 -3.12 -19.95
CA ILE B 289 10.57 -4.20 -19.10
C ILE B 289 11.32 -4.19 -17.76
N TYR B 290 10.70 -4.82 -16.76
CA TYR B 290 11.45 -5.31 -15.61
C TYR B 290 11.86 -6.77 -15.89
N PHE B 291 13.11 -7.10 -15.61
CA PHE B 291 13.66 -8.42 -15.90
C PHE B 291 14.28 -8.93 -14.61
N THR B 292 13.81 -10.09 -14.14
CA THR B 292 14.34 -10.76 -12.96
C THR B 292 15.29 -11.93 -13.32
N ILE B 293 16.48 -11.92 -12.72
CA ILE B 293 17.34 -13.10 -12.67
C ILE B 293 16.99 -13.91 -11.43
N GLN B 294 16.14 -14.88 -11.60
CA GLN B 294 15.72 -15.70 -10.50
C GLN B 294 16.80 -16.80 -10.27
N GLU B 295 17.18 -16.96 -9.01
CA GLU B 295 18.28 -17.83 -8.55
C GLU B 295 18.24 -19.21 -9.23
N GLN B 296 17.10 -19.90 -9.12
CA GLN B 296 16.91 -21.25 -9.63
C GLN B 296 16.66 -21.32 -11.12
N ASN B 297 16.68 -20.17 -11.78
CA ASN B 297 16.39 -20.14 -13.20
C ASN B 297 17.54 -19.71 -14.07
N TRP B 298 18.77 -19.81 -13.57
CA TRP B 298 19.92 -19.31 -14.31
C TRP B 298 20.12 -19.99 -15.67
N GLU B 299 19.93 -21.30 -15.70
CA GLU B 299 20.03 -22.10 -16.93
C GLU B 299 19.07 -21.62 -18.02
N ASN B 300 17.77 -21.58 -17.71
CA ASN B 300 16.77 -21.01 -18.62
C ASN B 300 17.08 -19.58 -19.02
N THR B 301 17.51 -18.78 -18.05
CA THR B 301 17.85 -17.39 -18.33
C THR B 301 18.94 -17.33 -19.39
N CYS B 302 19.97 -18.18 -19.25
CA CYS B 302 21.07 -18.27 -20.23
C CYS B 302 20.62 -18.78 -21.59
N LYS B 303 19.77 -19.80 -21.60
CA LYS B 303 19.25 -20.32 -22.87
C LYS B 303 18.48 -19.22 -23.61
N ALA B 304 17.62 -18.52 -22.86
CA ALA B 304 16.85 -17.39 -23.41
C ALA B 304 17.73 -16.40 -24.18
N ILE B 305 18.86 -16.01 -23.60
CA ILE B 305 19.70 -14.99 -24.24
C ILE B 305 20.85 -15.55 -25.10
N GLY B 306 20.82 -16.86 -25.36
CA GLY B 306 21.85 -17.48 -26.19
C GLY B 306 23.22 -17.39 -25.57
N LYS B 307 23.30 -17.67 -24.27
CA LYS B 307 24.59 -17.73 -23.58
C LYS B 307 24.74 -19.05 -22.82
N PRO B 308 24.73 -20.18 -23.56
CA PRO B 308 24.81 -21.51 -22.93
C PRO B 308 26.13 -21.67 -22.17
N GLU B 309 27.14 -20.93 -22.57
CA GLU B 309 28.45 -20.99 -21.95
C GLU B 309 28.50 -20.35 -20.55
N TRP B 310 27.41 -19.71 -20.13
CA TRP B 310 27.36 -19.02 -18.83
C TRP B 310 26.76 -19.90 -17.76
N ILE B 311 26.05 -20.94 -18.18
CA ILE B 311 25.27 -21.80 -17.30
C ILE B 311 26.06 -22.32 -16.09
N THR B 312 27.25 -22.86 -16.35
CA THR B 312 28.06 -23.47 -15.27
C THR B 312 29.37 -22.74 -15.04
N ASP B 313 29.63 -21.71 -15.85
CA ASP B 313 30.79 -20.87 -15.65
C ASP B 313 30.76 -20.35 -14.20
N PRO B 314 31.81 -20.60 -13.42
CA PRO B 314 31.82 -20.22 -12.00
C PRO B 314 31.69 -18.70 -11.73
N ALA B 315 32.01 -17.85 -12.70
CA ALA B 315 31.77 -16.41 -12.55
C ALA B 315 30.28 -16.04 -12.66
N TYR B 316 29.46 -16.98 -13.13
CA TYR B 316 28.06 -16.74 -13.51
C TYR B 316 27.00 -17.61 -12.85
N SER B 317 27.39 -18.78 -12.34
CA SER B 317 26.45 -19.84 -11.99
C SER B 317 25.69 -19.66 -10.68
N THR B 318 26.14 -18.74 -9.84
CA THR B 318 25.44 -18.42 -8.60
C THR B 318 25.16 -16.89 -8.49
N ALA B 319 24.20 -16.52 -7.63
CA ALA B 319 23.90 -15.10 -7.36
C ALA B 319 25.11 -14.36 -6.80
N HIS B 320 25.83 -14.99 -5.89
CA HIS B 320 27.02 -14.37 -5.30
C HIS B 320 28.11 -14.04 -6.31
N ALA B 321 28.32 -14.94 -7.28
CA ALA B 321 29.34 -14.72 -8.32
C ALA B 321 28.92 -13.68 -9.37
N ARG B 322 27.64 -13.69 -9.75
CA ARG B 322 27.11 -12.72 -10.70
C ARG B 322 27.18 -11.27 -10.20
N GLN B 323 26.99 -11.07 -8.90
CA GLN B 323 26.81 -9.72 -8.33
C GLN B 323 27.89 -8.67 -8.65
N PRO B 324 29.18 -8.99 -8.53
CA PRO B 324 30.22 -8.00 -8.88
C PRO B 324 30.24 -7.56 -10.34
N HIS B 325 29.67 -8.34 -11.26
CA HIS B 325 29.62 -7.92 -12.65
C HIS B 325 28.17 -7.98 -13.19
N ILE B 326 27.18 -7.78 -12.30
CA ILE B 326 25.78 -7.94 -12.71
C ILE B 326 25.31 -6.93 -13.76
N PHE B 327 25.87 -5.72 -13.75
CA PHE B 327 25.49 -4.74 -14.76
C PHE B 327 26.01 -5.10 -16.15
N ASP B 328 27.09 -5.88 -16.24
CA ASP B 328 27.53 -6.43 -17.54
C ASP B 328 26.54 -7.45 -18.04
N ILE B 329 25.96 -8.19 -17.11
CA ILE B 329 25.01 -9.21 -17.46
C ILE B 329 23.73 -8.50 -17.94
N PHE B 330 23.26 -7.50 -17.19
CA PHE B 330 22.10 -6.71 -17.64
C PHE B 330 22.39 -6.04 -19.00
N ALA B 331 23.59 -5.48 -19.17
CA ALA B 331 24.02 -4.92 -20.46
C ALA B 331 23.94 -5.92 -21.59
N GLU B 332 24.28 -7.18 -21.31
CA GLU B 332 24.18 -8.26 -22.28
C GLU B 332 22.73 -8.66 -22.58
N ILE B 333 21.87 -8.77 -21.57
CA ILE B 333 20.44 -9.00 -21.85
C ILE B 333 19.86 -7.86 -22.72
N GLU B 334 20.32 -6.64 -22.48
CA GLU B 334 19.85 -5.45 -23.21
C GLU B 334 20.21 -5.41 -24.71
N LYS B 335 21.22 -6.18 -25.14
CA LYS B 335 21.55 -6.32 -26.56
C LYS B 335 20.43 -7.05 -27.27
N TYR B 336 19.78 -7.96 -26.58
CA TYR B 336 18.54 -8.53 -27.10
C TYR B 336 17.30 -7.60 -26.92
N THR B 337 17.03 -7.14 -25.69
CA THR B 337 15.72 -6.50 -25.42
C THR B 337 15.46 -5.24 -26.27
N VAL B 338 16.49 -4.48 -26.65
CA VAL B 338 16.32 -3.27 -27.47
C VAL B 338 15.98 -3.52 -28.95
N THR B 339 15.93 -4.78 -29.37
CA THR B 339 15.70 -5.13 -30.78
C THR B 339 14.23 -5.50 -31.05
N ILE B 340 13.47 -5.65 -29.97
CA ILE B 340 12.07 -6.02 -30.02
C ILE B 340 11.27 -5.12 -29.07
N ASP B 341 9.99 -5.02 -29.37
CA ASP B 341 8.99 -4.36 -28.55
C ASP B 341 8.91 -5.04 -27.19
N LYS B 342 8.66 -4.25 -26.14
CA LYS B 342 8.52 -4.78 -24.78
C LYS B 342 7.54 -5.92 -24.71
N HIS B 343 6.46 -5.83 -25.47
CA HIS B 343 5.48 -6.93 -25.50
C HIS B 343 6.00 -8.22 -26.16
N GLU B 344 6.76 -8.08 -27.24
CA GLU B 344 7.42 -9.21 -27.91
C GLU B 344 8.44 -9.78 -26.92
N ALA B 345 9.27 -8.90 -26.35
CA ALA B 345 10.33 -9.30 -25.39
C ALA B 345 9.79 -10.17 -24.28
N VAL B 346 8.64 -9.78 -23.71
CA VAL B 346 8.09 -10.52 -22.60
C VAL B 346 7.49 -11.85 -23.06
N ALA B 347 6.78 -11.83 -24.18
CA ALA B 347 6.17 -13.05 -24.73
C ALA B 347 7.24 -14.17 -24.95
N TYR B 348 8.41 -13.81 -25.42
CA TYR B 348 9.54 -14.73 -25.58
C TYR B 348 10.12 -15.22 -24.23
N LEU B 349 10.58 -14.27 -23.40
CA LEU B 349 11.30 -14.57 -22.17
C LEU B 349 10.49 -15.40 -21.17
N THR B 350 9.17 -15.23 -21.14
CA THR B 350 8.36 -15.99 -20.20
C THR B 350 8.27 -17.49 -20.56
N GLN B 351 8.69 -17.84 -21.76
CA GLN B 351 8.74 -19.25 -22.17
C GLN B 351 9.88 -19.93 -21.42
N PHE B 352 10.86 -19.12 -21.03
CA PHE B 352 12.00 -19.57 -20.26
C PHE B 352 11.79 -19.39 -18.77
N ASP B 353 10.55 -19.11 -18.39
CA ASP B 353 10.16 -18.98 -17.00
C ASP B 353 10.84 -17.77 -16.28
N ILE B 354 11.34 -16.82 -17.03
CA ILE B 354 11.84 -15.56 -16.48
C ILE B 354 10.69 -14.69 -15.93
N PRO B 355 10.79 -14.24 -14.67
CA PRO B 355 9.84 -13.26 -14.14
C PRO B 355 10.12 -11.90 -14.75
N CYS B 356 9.22 -11.47 -15.62
CA CYS B 356 9.36 -10.19 -16.30
C CYS B 356 8.01 -9.65 -16.72
N ALA B 357 7.96 -8.38 -17.08
CA ALA B 357 6.70 -7.77 -17.51
C ALA B 357 7.04 -6.44 -18.11
N PRO B 358 6.18 -5.98 -19.01
CA PRO B 358 6.40 -4.67 -19.61
C PRO B 358 6.14 -3.58 -18.54
N VAL B 359 6.84 -2.47 -18.66
CA VAL B 359 6.47 -1.26 -17.97
C VAL B 359 5.23 -0.71 -18.70
N LEU B 360 4.04 -1.01 -18.18
CA LEU B 360 2.80 -0.56 -18.81
C LEU B 360 2.53 0.91 -18.47
N SER B 361 2.24 1.70 -19.50
CA SER B 361 1.90 3.12 -19.28
C SER B 361 0.50 3.20 -18.70
N MET B 362 0.12 4.34 -18.14
CA MET B 362 -1.28 4.50 -17.74
C MET B 362 -2.25 4.47 -18.91
N LYS B 363 -1.78 4.81 -20.10
CA LYS B 363 -2.61 4.68 -21.32
C LYS B 363 -2.93 3.23 -21.63
N GLU B 364 -1.90 2.39 -21.66
CA GLU B 364 -2.09 0.93 -21.82
C GLU B 364 -2.98 0.34 -20.75
N ILE B 365 -2.80 0.74 -19.50
CA ILE B 365 -3.66 0.24 -18.42
C ILE B 365 -5.14 0.70 -18.59
N SER B 366 -5.33 1.97 -18.97
CA SER B 366 -6.68 2.50 -19.16
C SER B 366 -7.50 1.81 -20.25
N LEU B 367 -6.83 1.27 -21.26
CA LEU B 367 -7.48 0.54 -22.36
C LEU B 367 -7.40 -0.98 -22.32
N ASP B 368 -6.68 -1.52 -21.35
CA ASP B 368 -6.40 -2.95 -21.29
C ASP B 368 -7.68 -3.74 -21.12
N PRO B 369 -8.03 -4.59 -22.10
CA PRO B 369 -9.27 -5.37 -22.02
C PRO B 369 -9.36 -6.31 -20.84
N SER B 370 -8.27 -6.92 -20.41
CA SER B 370 -8.36 -7.87 -19.31
C SER B 370 -8.61 -7.15 -17.99
N LEU B 371 -8.12 -5.91 -17.83
CA LEU B 371 -8.43 -5.11 -16.63
C LEU B 371 -9.91 -4.71 -16.57
N ARG B 372 -10.54 -4.54 -17.74
CA ARG B 372 -12.00 -4.31 -17.81
C ARG B 372 -12.75 -5.57 -17.39
N GLN B 373 -12.28 -6.71 -17.92
CA GLN B 373 -12.93 -8.00 -17.67
C GLN B 373 -12.84 -8.35 -16.19
N SER B 374 -11.67 -8.12 -15.58
CA SER B 374 -11.50 -8.44 -14.15
C SER B 374 -12.19 -7.42 -13.22
N GLY B 375 -12.72 -6.32 -13.76
CA GLY B 375 -13.30 -5.29 -12.91
C GLY B 375 -12.27 -4.45 -12.15
N SER B 376 -11.06 -4.40 -12.68
CA SER B 376 -9.94 -3.66 -12.08
C SER B 376 -9.96 -2.22 -12.55
N VAL B 377 -10.26 -2.04 -13.83
CA VAL B 377 -10.57 -0.74 -14.40
C VAL B 377 -12.05 -0.77 -14.78
N VAL B 378 -12.81 0.15 -14.21
CA VAL B 378 -14.26 0.16 -14.33
C VAL B 378 -14.74 1.50 -14.92
N GLU B 379 -15.50 1.40 -16.00
CA GLU B 379 -16.22 2.52 -16.58
C GLU B 379 -17.51 2.75 -15.83
N VAL B 380 -17.66 3.95 -15.31
CA VAL B 380 -18.82 4.30 -14.50
C VAL B 380 -19.48 5.51 -15.18
N GLU B 381 -20.81 5.62 -15.11
CA GLU B 381 -21.48 6.79 -15.66
C GLU B 381 -21.86 7.80 -14.59
N GLN B 382 -21.33 9.00 -14.73
CA GLN B 382 -21.52 10.10 -13.78
C GLN B 382 -22.55 11.08 -14.38
N PRO B 383 -23.49 11.57 -13.59
CA PRO B 383 -24.39 12.66 -14.06
C PRO B 383 -23.57 13.83 -14.59
N LEU B 384 -24.07 14.42 -15.68
CA LEU B 384 -23.50 15.64 -16.31
C LEU B 384 -22.20 15.31 -17.07
N ARG B 385 -21.29 14.59 -16.43
CA ARG B 385 -20.01 14.23 -17.00
C ARG B 385 -20.15 13.12 -18.04
N GLY B 386 -20.98 12.13 -17.74
CA GLY B 386 -21.00 10.90 -18.53
C GLY B 386 -19.97 9.90 -18.04
N LYS B 387 -19.35 9.18 -18.97
CA LYS B 387 -18.40 8.11 -18.63
C LYS B 387 -17.10 8.61 -18.01
N TYR B 388 -16.65 7.87 -17.01
CA TYR B 388 -15.28 7.98 -16.51
C TYR B 388 -14.81 6.60 -16.08
N LEU B 389 -13.50 6.47 -15.91
CA LEU B 389 -12.90 5.22 -15.48
C LEU B 389 -12.45 5.39 -14.06
N THR B 390 -12.57 4.32 -13.32
CA THR B 390 -12.06 4.33 -11.98
C THR B 390 -11.32 3.02 -11.75
N VAL B 391 -10.47 2.98 -10.73
CA VAL B 391 -9.93 1.71 -10.28
C VAL B 391 -11.00 1.05 -9.44
N GLY B 392 -11.34 -0.18 -9.79
CA GLY B 392 -12.41 -0.90 -9.13
C GLY B 392 -11.98 -1.52 -7.80
N CYS B 393 -12.80 -2.42 -7.31
CA CYS B 393 -12.52 -3.08 -6.05
C CYS B 393 -11.41 -4.09 -6.33
N PRO B 394 -10.25 -3.94 -5.70
CA PRO B 394 -9.07 -4.66 -6.16
C PRO B 394 -9.08 -6.13 -5.83
N MET B 395 -9.60 -6.56 -4.68
CA MET B 395 -9.65 -7.99 -4.41
C MET B 395 -10.97 -8.54 -4.95
N LYS B 396 -10.96 -9.80 -5.35
CA LYS B 396 -12.12 -10.43 -5.97
C LYS B 396 -12.76 -11.47 -5.03
N PHE B 397 -14.09 -11.48 -4.99
CA PHE B 397 -14.79 -12.38 -4.08
C PHE B 397 -15.64 -13.34 -4.88
N SER B 398 -15.65 -14.62 -4.52
CA SER B 398 -16.47 -15.56 -5.31
C SER B 398 -17.96 -15.48 -4.97
N ALA B 399 -18.29 -14.87 -3.81
CA ALA B 399 -19.68 -14.80 -3.36
C ALA B 399 -20.30 -13.41 -3.47
N PHE B 400 -19.59 -12.43 -4.03
CA PHE B 400 -20.19 -11.15 -4.27
C PHE B 400 -19.35 -10.28 -5.20
N THR B 401 -20.06 -9.46 -5.97
CA THR B 401 -19.48 -8.57 -6.94
C THR B 401 -19.95 -7.14 -6.57
N PRO B 402 -19.00 -6.25 -6.28
CA PRO B 402 -19.33 -4.84 -5.99
C PRO B 402 -20.03 -4.24 -7.18
N ASP B 403 -20.96 -3.34 -6.94
CA ASP B 403 -21.63 -2.63 -8.03
C ASP B 403 -21.17 -1.18 -7.91
N ILE B 404 -20.30 -0.76 -8.82
CA ILE B 404 -19.66 0.57 -8.68
C ILE B 404 -20.50 1.61 -9.40
N LYS B 405 -20.86 2.65 -8.64
CA LYS B 405 -21.82 3.67 -9.09
C LYS B 405 -21.20 5.03 -9.06
N ALA B 406 -21.97 6.02 -9.56
CA ALA B 406 -21.60 7.42 -9.62
C ALA B 406 -21.28 7.96 -8.24
N ALA B 407 -20.54 9.06 -8.20
CA ALA B 407 -20.27 9.78 -6.97
C ALA B 407 -21.39 10.83 -6.79
N PRO B 408 -21.70 11.19 -5.55
CA PRO B 408 -22.88 12.05 -5.29
C PRO B 408 -22.66 13.51 -5.66
N LEU B 409 -23.70 14.18 -6.14
CA LEU B 409 -23.71 15.63 -6.25
C LEU B 409 -23.75 16.20 -4.87
N LEU B 410 -23.14 17.37 -4.69
CA LEU B 410 -23.03 17.98 -3.37
C LEU B 410 -24.40 18.25 -2.72
N GLY B 411 -24.62 17.68 -1.53
CA GLY B 411 -25.86 17.81 -0.78
C GLY B 411 -27.10 17.17 -1.40
N GLU B 412 -26.89 16.33 -2.39
CA GLU B 412 -27.94 15.60 -3.11
C GLU B 412 -28.87 14.83 -2.16
N HIS B 413 -28.32 14.32 -1.05
CA HIS B 413 -29.07 13.48 -0.13
C HIS B 413 -29.32 14.11 1.26
N THR B 414 -29.05 15.41 1.41
CA THR B 414 -29.31 16.13 2.69
C THR B 414 -30.72 15.91 3.26
N ALA B 415 -31.74 16.20 2.45
CA ALA B 415 -33.12 16.07 2.95
C ALA B 415 -33.43 14.64 3.38
N ALA B 416 -33.10 13.66 2.54
CA ALA B 416 -33.32 12.25 2.88
C ALA B 416 -32.64 11.83 4.19
N VAL B 417 -31.38 12.21 4.38
CA VAL B 417 -30.67 11.88 5.61
C VAL B 417 -31.31 12.53 6.83
N LEU B 418 -31.62 13.83 6.73
CA LEU B 418 -32.33 14.48 7.84
C LEU B 418 -33.66 13.82 8.13
N GLN B 419 -34.42 13.45 7.09
CA GLN B 419 -35.73 12.77 7.27
C GLN B 419 -35.60 11.39 7.92
N GLU B 420 -34.57 10.62 7.53
CA GLU B 420 -34.28 9.33 8.17
C GLU B 420 -34.01 9.51 9.66
N LEU B 421 -33.39 10.62 10.04
CA LEU B 421 -33.17 10.89 11.47
C LEU B 421 -34.43 11.28 12.25
N GLY B 422 -35.52 11.60 11.54
CA GLY B 422 -36.74 11.98 12.23
C GLY B 422 -37.07 13.47 12.20
N TYR B 423 -36.28 14.26 11.46
CA TYR B 423 -36.56 15.69 11.35
C TYR B 423 -37.78 16.01 10.49
N SER B 424 -38.59 16.94 10.96
CA SER B 424 -39.77 17.43 10.25
C SER B 424 -39.36 18.39 9.12
N ASP B 425 -40.28 18.73 8.22
CA ASP B 425 -39.99 19.76 7.20
C ASP B 425 -39.68 21.14 7.79
N ASP B 426 -40.41 21.54 8.83
CA ASP B 426 -40.10 22.77 9.57
C ASP B 426 -38.67 22.79 10.16
N GLU B 427 -38.29 21.71 10.85
CA GLU B 427 -36.93 21.57 11.38
C GLU B 427 -35.87 21.72 10.28
N ILE B 428 -36.13 21.14 9.11
CA ILE B 428 -35.16 21.21 8.02
C ILE B 428 -35.08 22.62 7.41
N ALA B 429 -36.25 23.23 7.16
CA ALA B 429 -36.30 24.63 6.73
C ALA B 429 -35.62 25.56 7.75
N ALA B 430 -35.76 25.30 9.05
CA ALA B 430 -35.05 26.12 10.06
C ALA B 430 -33.53 25.96 9.93
N MET B 431 -33.08 24.73 9.70
CA MET B 431 -31.65 24.47 9.50
C MET B 431 -31.10 25.20 8.29
N LYS B 432 -31.86 25.18 7.19
CA LYS B 432 -31.45 25.89 5.99
C LYS B 432 -31.37 27.43 6.23
N GLN B 433 -32.42 27.99 6.83
CA GLN B 433 -32.41 29.42 7.22
C GLN B 433 -31.20 29.78 8.08
N ASN B 434 -30.84 28.85 8.99
CA ASN B 434 -29.76 29.07 9.94
C ASN B 434 -28.39 28.64 9.48
N HIS B 435 -28.28 28.28 8.20
CA HIS B 435 -27.03 27.88 7.59
C HIS B 435 -26.37 26.68 8.26
N ALA B 436 -27.18 25.81 8.86
CA ALA B 436 -26.72 24.53 9.37
C ALA B 436 -26.56 23.46 8.25
N ILE B 437 -27.28 23.66 7.15
CA ILE B 437 -27.19 22.84 5.94
C ILE B 437 -27.09 23.80 4.77
C1 OXL C . -3.46 21.15 -7.30
C2 OXL C . -3.01 19.81 -6.90
O1 OXL C . -2.68 21.85 -7.98
O2 OXL C . -3.80 19.00 -6.35
O3 OXL C . -4.59 21.57 -6.95
O4 OXL C . -1.81 19.48 -7.13
N1A ACO D . 4.75 -29.56 0.22
C2A ACO D . 5.03 -29.89 -1.06
N3A ACO D . 5.21 -28.98 -2.04
C4A ACO D . 5.09 -27.66 -1.74
C5A ACO D . 4.78 -27.22 -0.41
C6A ACO D . 4.59 -28.27 0.62
N6A ACO D . 4.31 -27.95 1.88
N7A ACO D . 4.74 -25.85 -0.41
C8A ACO D . 5.03 -25.52 -1.71
N9A ACO D . 5.22 -26.60 -2.50
C1B ACO D . 5.59 -26.76 -3.93
C2B ACO D . 4.67 -26.04 -4.91
O2B ACO D . 3.43 -26.64 -5.21
C3B ACO D . 5.59 -25.98 -6.10
O3B ACO D . 5.69 -27.26 -6.72
P3B ACO D . 5.44 -27.88 -8.21
O7A ACO D . 6.11 -26.95 -9.30
O8A ACO D . 6.07 -29.33 -8.25
O9A ACO D . 3.84 -27.96 -8.42
C4B ACO D . 6.96 -25.76 -5.49
O4B ACO D . 6.82 -26.04 -4.10
C5B ACO D . 7.50 -24.37 -5.76
O5B ACO D . 6.54 -23.38 -5.39
P1A ACO D . 6.95 -21.84 -5.51
O1A ACO D . 7.69 -21.42 -4.17
O2A ACO D . 5.64 -20.99 -5.79
O3A ACO D . 7.90 -21.86 -6.82
P2A ACO D . 8.85 -20.66 -7.30
O4A ACO D . 9.53 -21.00 -8.68
O5A ACO D . 9.97 -20.36 -6.21
O6A ACO D . 7.90 -19.38 -7.42
CBP ACO D . 7.15 -17.13 -6.91
CCP ACO D . 8.09 -18.26 -6.55
CDP ACO D . 7.57 -16.51 -8.23
CEP ACO D . 7.21 -16.04 -5.84
CAP ACO D . 5.74 -17.75 -6.94
OAP ACO D . 5.47 -18.36 -5.69
C9P ACO D . 4.65 -16.76 -7.31
O9P ACO D . 4.63 -16.27 -8.42
N8P ACO D . 3.74 -16.50 -6.36
C7P ACO D . 2.69 -15.47 -6.46
C6P ACO D . 3.28 -14.08 -6.29
C5P ACO D . 3.73 -13.84 -4.87
O5P ACO D . 2.89 -13.79 -4.01
N4P ACO D . 5.03 -13.71 -4.54
C3P ACO D . 6.04 -13.03 -5.34
C2P ACO D . 6.49 -11.67 -4.83
S1P ACO D . 7.61 -11.83 -3.46
C ACO D . 6.77 -11.89 -2.01
C ACO D . 8.82 -10.75 -3.76
O ACO D . 5.69 -12.40 -1.96
O ACO D . 9.01 -10.19 -4.81
CH3 ACO D . 7.45 -11.44 -0.50
CH3 ACO D . 9.99 -10.20 -2.63
C1 GOL E . -2.45 -10.30 19.61
O1 GOL E . -1.13 -10.15 19.18
C2 GOL E . -2.55 -11.34 20.71
O2 GOL E . -1.88 -10.90 21.87
C3 GOL E . -2.00 -12.67 20.26
O3 GOL E . -2.92 -13.61 20.77
C1 GOL F . -7.78 -19.82 -7.39
O1 GOL F . -8.40 -20.86 -6.66
C2 GOL F . -6.38 -19.61 -6.82
O2 GOL F . -5.80 -18.41 -7.32
C3 GOL F . -5.48 -20.86 -6.97
O3 GOL F . -5.21 -21.15 -8.34
C1 GOL G . 26.99 -15.01 6.35
O1 GOL G . 25.86 -15.12 7.20
C2 GOL G . 27.67 -13.65 6.51
O2 GOL G . 28.10 -13.52 7.85
C3 GOL G . 26.70 -12.52 6.20
O3 GOL G . 27.14 -11.86 5.05
C1 OXL H . 17.72 -11.56 -2.84
C2 OXL H . 18.76 -12.59 -2.98
O1 OXL H . 17.82 -10.51 -3.54
O2 OXL H . 18.54 -13.77 -2.58
O3 OXL H . 16.78 -11.70 -2.03
O4 OXL H . 19.85 -12.28 -3.53
N1A ACO I . -18.50 21.84 8.84
C2A ACO I . -17.70 22.83 9.32
N3A ACO I . -16.35 22.77 9.32
C4A ACO I . -15.74 21.66 8.81
C5A ACO I . -16.51 20.57 8.29
C6A ACO I . -17.98 20.70 8.32
N6A ACO I . -18.74 19.70 7.84
N7A ACO I . -15.65 19.60 7.84
C8A ACO I . -14.41 20.12 8.11
N9A ACO I . -14.47 21.34 8.69
C1B ACO I . -13.42 22.31 9.13
C2B ACO I . -12.35 21.73 10.04
O2B ACO I . -12.78 21.52 11.36
C3B ACO I . -11.33 22.83 9.92
O3B ACO I . -11.77 23.93 10.69
P3B ACO I . -10.85 24.64 11.81
O7A ACO I . -9.41 24.89 11.21
O8A ACO I . -11.56 26.02 12.18
O9A ACO I . -10.80 23.70 13.10
C4B ACO I . -11.43 23.27 8.46
O4B ACO I . -12.64 22.69 7.98
C5B ACO I . -10.24 22.87 7.61
O5B ACO I . -10.00 21.46 7.70
P1A ACO I . -8.91 20.77 6.76
O1A ACO I . -9.62 20.29 5.42
O2A ACO I . -8.28 19.59 7.61
O3A ACO I . -7.87 22.00 6.53
P2A ACO I . -6.61 21.97 5.56
O4A ACO I . -5.60 23.12 5.96
O5A ACO I . -6.97 22.13 4.01
O6A ACO I . -5.90 20.55 5.81
CBP ACO I . -4.73 18.51 5.29
CCP ACO I . -5.60 19.64 4.75
CDP ACO I . -3.31 19.02 5.47
CEP ACO I . -4.71 17.36 4.30
CAP ACO I . -5.34 18.06 6.63
OAP ACO I . -6.73 17.75 6.46
C9P ACO I . -4.62 16.89 7.27
O9P ACO I . -3.54 17.06 7.80
N8P ACO I . -5.24 15.71 7.23
C7P ACO I . -4.86 14.58 8.07
C6P ACO I . -4.12 13.50 7.29
C5P ACO I . -4.64 13.30 5.88
O5P ACO I . -5.53 12.50 5.66
N4P ACO I . -4.05 13.99 4.91
C3P ACO I . -4.51 13.93 3.53
C2P ACO I . -3.35 13.96 2.51
S1P ACO I . -4.11 13.82 0.92
C ACO I . -3.04 14.35 -0.23
C ACO I . -5.32 12.74 0.89
O ACO I . -1.86 14.25 -0.03
O ACO I . -5.84 12.07 1.75
CH3 ACO I . -3.60 15.13 -1.55
CH3 ACO I . -6.02 12.50 -0.46
C1 GOL J . 18.45 10.48 -11.56
O1 GOL J . 19.55 9.90 -10.89
C2 GOL J . 17.09 10.20 -10.91
O2 GOL J . 17.21 10.25 -9.53
C3 GOL J . 16.46 8.89 -11.36
O3 GOL J . 16.23 8.90 -12.75
C1 GOL K . -22.28 -1.99 -3.83
O1 GOL K . -21.17 -2.81 -4.04
C2 GOL K . -23.24 -2.84 -3.04
O2 GOL K . -23.70 -3.89 -3.87
C3 GOL K . -24.42 -1.97 -2.60
O3 GOL K . -25.25 -2.77 -1.79
#